data_5WNB
#
_entry.id   5WNB
#
_cell.length_a   68.760
_cell.length_b   105.430
_cell.length_c   121.820
_cell.angle_alpha   90.000
_cell.angle_beta   90.000
_cell.angle_gamma   90.000
#
_symmetry.space_group_name_H-M   'P 21 21 21'
#
loop_
_entity.id
_entity.type
_entity.pdbx_description
1 polymer 'mAb 3D3 Fab heavy chain'
2 polymer 'mAb 3D3 Fab light chain'
3 polymer 'Major surface glycoprotein G'
4 non-polymer 'ZINC ION'
5 non-polymer 'ACETIC ACID'
6 water water
#
loop_
_entity_poly.entity_id
_entity_poly.type
_entity_poly.pdbx_seq_one_letter_code
_entity_poly.pdbx_strand_id
1 'polypeptide(L)'
;EEQLVESGGGLVQPGRSLRLSCVGSGLRFEEHAMHWVRQAPGRGLEWVSGISWNSGSVGYADSVKGRFTTSRDNAKDILF
LEMNTLRSEDTALYFCAIMVATTKNDFHYYKDVWGKGTTVTVSSASTKGPSVFPLAPSSKSTSGGTAALGCLVKDYFPEP
VTVSWNSGALTSGVHTFPAVLQSSGLYSLSSVVTVPSSSLGTQTYICNVNHKPSNTKVDKKVEPKSCDKTH
;
H,I
2 'polypeptide(L)'
;QIVLTQSPATLSLSPGERATLSCRASQSVSNHLAWYQQKPGQAPRLLIYETSNRATGIPPRFSGSGSGTDFTLTISSLEP
EDFAVYYCQQRNNWYTFGQGTKLEIKRTVAAPSVFIFPPSDEQLKSGTASVVCLLNNFYPREAKVQWKVDNALQSGNSQE
SVTEQDSKDSTYSLSSTLTLSKADYEKHKVYACEVTHQGLSSPVTKSFNRGEC
;
L,M
3 'polypeptide(L)' DFHFEVFNFVP A,B
#
# COMPACT_ATOMS: atom_id res chain seq x y z
N GLU A 1 -17.33 6.56 -12.50
CA GLU A 1 -16.16 7.40 -12.25
C GLU A 1 -16.55 8.55 -11.32
N GLU A 2 -17.80 8.53 -10.82
CA GLU A 2 -18.20 9.53 -9.85
C GLU A 2 -17.44 9.37 -8.54
N GLN A 3 -17.03 10.49 -7.98
CA GLN A 3 -16.24 10.49 -6.76
C GLN A 3 -16.70 11.56 -5.79
N LEU A 4 -16.41 11.32 -4.53
CA LEU A 4 -16.77 12.20 -3.43
C LEU A 4 -15.51 12.61 -2.68
N VAL A 5 -15.40 13.89 -2.34
CA VAL A 5 -14.24 14.43 -1.63
C VAL A 5 -14.75 15.27 -0.47
N GLU A 6 -14.28 14.96 0.74
CA GLU A 6 -14.63 15.70 1.94
C GLU A 6 -13.53 16.70 2.27
N SER A 7 -13.92 17.75 2.99
CA SER A 7 -12.97 18.75 3.48
C SER A 7 -13.60 19.41 4.69
N GLY A 8 -12.82 20.27 5.33
CA GLY A 8 -13.28 21.01 6.49
C GLY A 8 -12.85 20.42 7.82
N GLY A 9 -12.36 19.19 7.85
CA GLY A 9 -11.92 18.59 9.09
C GLY A 9 -10.66 19.24 9.63
N GLY A 10 -10.37 18.94 10.89
CA GLY A 10 -9.19 19.46 11.51
C GLY A 10 -9.31 19.45 13.02
N LEU A 11 -8.34 20.10 13.66
CA LEU A 11 -8.28 20.19 15.11
C LEU A 11 -9.16 21.33 15.60
N VAL A 12 -10.02 21.02 16.55
CA VAL A 12 -10.90 22.02 17.15
C VAL A 12 -11.10 21.74 18.63
N GLN A 13 -11.29 22.79 19.42
CA GLN A 13 -11.55 22.63 20.86
C GLN A 13 -12.98 22.20 21.16
N PRO A 14 -13.18 21.56 22.31
CA PRO A 14 -14.52 21.11 22.70
C PRO A 14 -15.47 22.30 22.87
N GLY A 15 -16.70 22.13 22.38
CA GLY A 15 -17.72 23.16 22.47
C GLY A 15 -17.65 24.11 21.30
N ARG A 16 -16.63 23.94 20.46
CA ARG A 16 -16.45 24.72 19.24
C ARG A 16 -17.16 24.09 18.05
N SER A 17 -16.98 24.69 16.88
CA SER A 17 -17.65 24.24 15.66
C SER A 17 -16.68 23.96 14.52
N LEU A 18 -17.03 22.97 13.71
CA LEU A 18 -16.36 22.74 12.44
C LEU A 18 -17.45 22.50 11.42
N ARG A 19 -17.07 22.55 10.16
CA ARG A 19 -18.04 22.49 9.08
C ARG A 19 -17.42 21.71 7.93
N LEU A 20 -17.98 20.55 7.63
CA LEU A 20 -17.45 19.73 6.56
C LEU A 20 -18.26 19.91 5.28
N SER A 21 -17.59 19.76 4.15
CA SER A 21 -18.23 19.76 2.85
C SER A 21 -17.92 18.42 2.20
N CYS A 22 -18.88 17.94 1.41
CA CYS A 22 -18.68 16.77 0.57
C CYS A 22 -19.15 17.17 -0.82
N VAL A 23 -18.25 17.12 -1.79
CA VAL A 23 -18.56 17.52 -3.15
C VAL A 23 -18.58 16.27 -4.00
N GLY A 24 -19.73 15.98 -4.59
CA GLY A 24 -19.81 14.97 -5.61
C GLY A 24 -19.41 15.52 -6.96
N SER A 25 -19.02 14.61 -7.86
CA SER A 25 -18.62 15.03 -9.19
C SER A 25 -19.77 15.72 -9.90
N GLY A 26 -19.50 16.92 -10.41
CA GLY A 26 -20.41 17.55 -11.34
C GLY A 26 -21.66 18.15 -10.69
N LEU A 27 -22.75 18.13 -11.46
CA LEU A 27 -24.02 18.75 -11.06
C LEU A 27 -24.57 18.19 -9.76
CA PHE A 29 -29.49 18.68 -9.52
C PHE A 29 -29.52 17.16 -9.55
N GLU A 30 -28.53 16.54 -8.91
CA GLU A 30 -28.40 15.09 -8.94
C GLU A 30 -29.47 14.40 -8.10
N GLU A 31 -29.65 13.10 -8.34
CA GLU A 31 -30.85 12.38 -7.97
C GLU A 31 -30.59 11.31 -6.90
N HIS A 32 -29.61 11.54 -6.02
CA HIS A 32 -29.32 10.60 -4.95
C HIS A 32 -29.20 11.33 -3.62
N ALA A 33 -29.65 10.63 -2.57
CA ALA A 33 -29.41 11.05 -1.20
C ALA A 33 -27.94 10.90 -0.83
N MET A 34 -27.52 11.65 0.17
CA MET A 34 -26.17 11.57 0.70
C MET A 34 -26.21 11.42 2.21
N HIS A 35 -25.17 10.80 2.75
CA HIS A 35 -25.14 10.44 4.16
C HIS A 35 -23.77 10.76 4.74
N TRP A 36 -23.74 10.96 6.05
CA TRP A 36 -22.51 11.09 6.81
C TRP A 36 -22.32 9.85 7.67
N VAL A 37 -21.16 9.22 7.54
CA VAL A 37 -20.78 8.06 8.35
C VAL A 37 -19.40 8.33 8.92
N ARG A 38 -19.22 8.03 10.20
CA ARG A 38 -17.94 8.30 10.86
C ARG A 38 -17.42 7.04 11.52
N GLN A 39 -16.13 7.04 11.75
CA GLN A 39 -15.46 5.95 12.44
C GLN A 39 -14.46 6.50 13.44
N ALA A 40 -14.66 6.19 14.71
CA ALA A 40 -13.67 6.54 15.72
C ALA A 40 -12.46 5.60 15.61
N PRO A 41 -11.29 6.04 16.06
CA PRO A 41 -10.09 5.18 15.96
C PRO A 41 -10.30 3.83 16.65
N GLY A 42 -10.07 2.76 15.89
CA GLY A 42 -10.22 1.41 16.39
C GLY A 42 -11.63 1.00 16.72
N ARG A 43 -12.63 1.73 16.22
CA ARG A 43 -14.03 1.44 16.45
C ARG A 43 -14.75 1.20 15.12
N GLY A 44 -16.04 0.85 15.21
CA GLY A 44 -16.81 0.53 14.05
C GLY A 44 -17.45 1.76 13.41
N LEU A 45 -18.23 1.50 12.36
CA LEU A 45 -18.93 2.56 11.65
C LEU A 45 -20.20 2.96 12.37
N GLU A 46 -20.47 4.27 12.38
CA GLU A 46 -21.68 4.82 12.98
C GLU A 46 -22.30 5.81 12.00
N TRP A 47 -23.55 5.57 11.63
CA TRP A 47 -24.27 6.48 10.75
C TRP A 47 -24.57 7.78 11.48
N VAL A 48 -24.12 8.89 10.92
CA VAL A 48 -24.28 10.20 11.55
C VAL A 48 -25.58 10.86 11.10
N SER A 49 -25.76 10.98 9.79
CA SER A 49 -26.88 11.74 9.26
C SER A 49 -27.12 11.34 7.81
N GLY A 50 -28.34 11.58 7.35
CA GLY A 50 -28.71 11.35 5.97
C GLY A 50 -29.73 12.34 5.48
N ILE A 51 -29.60 12.77 4.21
CA ILE A 51 -30.49 13.77 3.63
C ILE A 51 -30.93 13.30 2.25
N SER A 52 -32.22 13.42 1.97
CA SER A 52 -32.77 12.95 0.70
C SER A 52 -32.27 13.83 -0.45
N TRP A 53 -32.60 13.39 -1.67
CA TRP A 53 -32.08 14.05 -2.88
C TRP A 53 -32.51 15.51 -2.96
N ASN A 54 -33.73 15.83 -2.51
CA ASN A 54 -34.26 17.18 -2.57
C ASN A 54 -34.30 17.86 -1.21
N SER A 55 -33.49 17.39 -0.26
CA SER A 55 -33.47 17.90 1.12
C SER A 55 -34.85 17.88 1.78
N GLY A 56 -35.76 17.05 1.27
CA GLY A 56 -37.08 16.94 1.88
C GLY A 56 -37.13 16.10 3.14
N SER A 57 -36.10 15.29 3.39
CA SER A 57 -36.07 14.39 4.54
C SER A 57 -34.66 14.31 5.09
N VAL A 58 -34.50 14.58 6.38
CA VAL A 58 -33.21 14.59 7.06
C VAL A 58 -33.31 13.83 8.37
N GLY A 59 -32.31 12.99 8.64
CA GLY A 59 -32.26 12.25 9.89
C GLY A 59 -30.87 12.31 10.50
N TYR A 60 -30.82 12.00 11.80
CA TYR A 60 -29.56 11.97 12.53
C TYR A 60 -29.60 10.86 13.58
N ALA A 61 -28.43 10.32 13.89
CA ALA A 61 -28.30 9.46 15.06
C ALA A 61 -28.55 10.27 16.33
N ASP A 62 -29.03 9.60 17.37
CA ASP A 62 -29.31 10.29 18.62
C ASP A 62 -28.07 10.89 19.27
N SER A 63 -26.89 10.36 18.96
CA SER A 63 -25.66 10.87 19.57
C SER A 63 -25.38 12.32 19.18
N VAL A 64 -25.76 12.69 17.96
CA VAL A 64 -25.46 14.02 17.45
C VAL A 64 -26.68 14.94 17.32
N LYS A 65 -27.84 14.45 17.71
CA LYS A 65 -29.07 15.20 17.49
C LYS A 65 -29.07 16.51 18.27
N GLY A 66 -29.49 17.58 17.61
CA GLY A 66 -29.56 18.88 18.23
C GLY A 66 -28.22 19.60 18.31
N ARG A 67 -27.18 18.97 17.80
CA ARG A 67 -25.84 19.57 17.76
C ARG A 67 -25.28 19.74 16.36
N PHE A 68 -25.56 18.79 15.48
CA PHE A 68 -25.11 18.86 14.09
C PHE A 68 -26.31 19.08 13.19
N THR A 69 -26.06 19.68 12.03
CA THR A 69 -27.11 19.97 11.07
C THR A 69 -26.59 19.63 9.68
N THR A 70 -27.35 18.80 8.98
CA THR A 70 -27.02 18.36 7.63
C THR A 70 -27.84 19.14 6.62
N SER A 71 -27.18 19.64 5.59
CA SER A 71 -27.87 20.26 4.47
C SER A 71 -27.04 20.00 3.22
N ARG A 72 -27.60 20.40 2.08
CA ARG A 72 -26.99 20.10 0.79
C ARG A 72 -27.50 21.09 -0.23
N ASP A 73 -26.79 21.16 -1.36
CA ASP A 73 -27.15 22.05 -2.46
C ASP A 73 -26.89 21.31 -3.77
N ASN A 74 -27.97 20.96 -4.45
CA ASN A 74 -27.89 20.22 -5.69
C ASN A 74 -27.17 20.97 -6.77
N ALA A 75 -27.39 22.28 -6.84
CA ALA A 75 -26.82 23.09 -7.91
C ALA A 75 -25.30 22.96 -7.91
N LYS A 76 -24.70 22.87 -6.74
CA LYS A 76 -23.27 22.64 -6.59
C LYS A 76 -22.95 21.18 -6.29
N ASP A 77 -23.99 20.38 -6.02
CA ASP A 77 -23.81 18.98 -5.61
C ASP A 77 -22.87 18.87 -4.42
N ILE A 78 -23.05 19.76 -3.45
CA ILE A 78 -22.23 19.79 -2.26
C ILE A 78 -23.11 19.41 -1.07
N LEU A 79 -22.57 18.56 -0.20
CA LEU A 79 -23.22 18.13 1.01
C LEU A 79 -22.49 18.73 2.20
N PHE A 80 -23.25 19.21 3.18
CA PHE A 80 -22.67 19.88 4.33
C PHE A 80 -22.99 19.14 5.62
N LEU A 81 -22.01 19.14 6.54
CA LEU A 81 -22.23 18.72 7.92
C LEU A 81 -21.74 19.87 8.79
N GLU A 82 -22.68 20.67 9.27
CA GLU A 82 -22.35 21.76 10.18
C GLU A 82 -22.32 21.18 11.59
N MET A 83 -21.19 21.31 12.25
CA MET A 83 -20.93 20.61 13.51
C MET A 83 -20.88 21.65 14.62
N ASN A 84 -21.77 21.53 15.59
CA ASN A 84 -21.81 22.46 16.70
C ASN A 84 -21.81 21.69 18.01
N THR A 85 -21.40 22.35 19.08
CA THR A 85 -21.30 21.76 20.42
C THR A 85 -20.47 20.47 20.38
N LEU A 86 -19.24 20.64 19.90
CA LEU A 86 -18.39 19.49 19.65
C LEU A 86 -17.84 18.91 20.95
N ARG A 87 -17.72 17.59 20.96
CA ARG A 87 -17.18 16.84 22.08
C ARG A 87 -15.96 16.03 21.65
N SER A 88 -15.19 15.60 22.64
CA SER A 88 -14.07 14.71 22.38
C SER A 88 -14.52 13.39 21.77
N GLU A 89 -15.74 12.92 22.11
CA GLU A 89 -16.20 11.65 21.57
C GLU A 89 -16.60 11.71 20.11
N ASP A 90 -16.66 12.90 19.51
CA ASP A 90 -16.90 13.00 18.08
C ASP A 90 -15.61 12.98 17.29
N THR A 91 -14.47 12.77 17.96
CA THR A 91 -13.20 12.58 17.28
C THR A 91 -13.27 11.29 16.47
N ALA A 92 -13.25 11.42 15.15
CA ALA A 92 -13.40 10.26 14.27
C ALA A 92 -13.01 10.68 12.86
N LEU A 93 -12.92 9.68 12.00
CA LEU A 93 -12.80 9.89 10.57
C LEU A 93 -14.21 9.94 9.99
N TYR A 94 -14.51 11.00 9.24
CA TYR A 94 -15.88 11.26 8.79
C TYR A 94 -15.99 10.97 7.31
N PHE A 95 -16.76 9.95 6.96
CA PHE A 95 -16.97 9.55 5.58
C PHE A 95 -18.21 10.25 5.03
N CYS A 96 -18.13 10.64 3.75
CA CYS A 96 -19.30 11.02 2.99
C CYS A 96 -19.61 9.88 2.02
N ALA A 97 -20.87 9.49 1.94
CA ALA A 97 -21.21 8.29 1.20
C ALA A 97 -22.57 8.42 0.55
N ILE A 98 -22.70 7.78 -0.60
CA ILE A 98 -23.99 7.55 -1.26
C ILE A 98 -24.32 6.08 -1.06
N MET A 99 -25.51 5.80 -0.52
CA MET A 99 -25.92 4.43 -0.19
C MET A 99 -27.37 4.25 -0.64
N VAL A 100 -27.55 3.95 -1.92
CA VAL A 100 -28.86 3.69 -2.50
C VAL A 100 -28.89 2.23 -2.95
N ALA A 101 -29.99 1.55 -2.62
CA ALA A 101 -30.17 0.16 -3.02
C ALA A 101 -31.65 -0.17 -2.91
N THR A 102 -32.19 -0.79 -3.96
CA THR A 102 -33.60 -1.15 -4.00
C THR A 102 -33.80 -2.24 -5.03
N THR A 103 -34.81 -3.07 -4.79
CA THR A 103 -35.22 -4.12 -5.72
C THR A 103 -36.68 -4.01 -6.09
N LYS A 104 -37.21 -2.78 -6.13
CA LYS A 104 -38.61 -2.56 -6.47
C LYS A 104 -38.89 -3.07 -7.87
N ASN A 105 -40.03 -3.74 -8.02
CA ASN A 105 -40.41 -4.43 -9.26
C ASN A 105 -39.32 -5.40 -9.70
N ASP A 106 -38.67 -6.03 -8.72
CA ASP A 106 -37.43 -6.79 -8.90
C ASP A 106 -36.62 -6.17 -10.03
N PHE A 107 -36.40 -4.86 -9.95
CA PHE A 107 -35.44 -4.17 -10.79
C PHE A 107 -34.27 -3.82 -9.90
N HIS A 108 -33.15 -4.49 -10.12
CA HIS A 108 -32.02 -4.40 -9.19
C HIS A 108 -31.20 -3.17 -9.51
N TYR A 109 -31.10 -2.28 -8.53
CA TYR A 109 -30.35 -1.05 -8.71
C TYR A 109 -29.70 -0.73 -7.38
N TYR A 110 -28.43 -0.39 -7.42
CA TYR A 110 -27.72 0.04 -6.23
C TYR A 110 -26.69 1.06 -6.69
N LYS A 111 -26.40 2.01 -5.82
CA LYS A 111 -25.27 2.89 -6.03
C LYS A 111 -24.62 3.14 -4.69
N ASP A 112 -23.34 2.81 -4.57
CA ASP A 112 -22.65 2.88 -3.28
C ASP A 112 -21.29 3.50 -3.54
N VAL A 113 -21.14 4.77 -3.16
CA VAL A 113 -19.92 5.52 -3.37
C VAL A 113 -19.47 6.07 -2.03
N TRP A 114 -18.18 5.96 -1.76
CA TRP A 114 -17.62 6.41 -0.49
C TRP A 114 -16.45 7.34 -0.74
N GLY A 115 -16.43 8.44 0.01
CA GLY A 115 -15.24 9.27 0.04
C GLY A 115 -14.17 8.62 0.91
N LYS A 116 -12.96 9.17 0.83
CA LYS A 116 -11.88 8.69 1.67
C LYS A 116 -11.96 9.22 3.10
N GLY A 117 -12.70 10.30 3.32
CA GLY A 117 -12.95 10.80 4.65
C GLY A 117 -12.06 11.97 5.01
N THR A 118 -12.55 12.77 5.96
CA THR A 118 -11.81 13.85 6.56
C THR A 118 -11.79 13.63 8.07
N THR A 119 -10.68 14.03 8.69
CA THR A 119 -10.45 13.70 10.10
C THR A 119 -10.91 14.84 10.99
N VAL A 120 -11.55 14.47 12.10
CA VAL A 120 -12.03 15.43 13.10
C VAL A 120 -11.40 15.06 14.43
N THR A 121 -10.71 16.03 15.04
CA THR A 121 -10.07 15.84 16.34
C THR A 121 -10.56 16.93 17.27
N VAL A 122 -11.26 16.54 18.32
CA VAL A 122 -11.78 17.48 19.30
C VAL A 122 -11.04 17.27 20.61
N SER A 123 -10.24 18.26 21.01
CA SER A 123 -9.56 18.19 22.31
C SER A 123 -9.00 19.57 22.65
N SER A 124 -8.85 19.80 23.95
CA SER A 124 -8.23 21.01 24.48
C SER A 124 -6.70 21.00 24.35
N ALA A 125 -6.11 19.83 24.08
CA ALA A 125 -4.66 19.73 23.94
C ALA A 125 -4.18 20.57 22.77
N SER A 126 -2.86 20.72 22.66
CA SER A 126 -2.31 21.54 21.60
C SER A 126 -1.12 20.89 20.93
N THR A 127 -0.87 21.35 19.70
CA THR A 127 0.11 20.73 18.80
C THR A 127 1.47 20.62 19.48
N LYS A 128 2.04 19.42 19.45
CA LYS A 128 3.37 19.21 20.01
C LYS A 128 4.08 18.06 19.32
N GLY A 129 5.35 18.27 19.00
CA GLY A 129 6.17 17.26 18.40
C GLY A 129 6.52 16.17 19.39
N PRO A 130 6.79 14.97 18.90
CA PRO A 130 7.06 13.83 19.78
C PRO A 130 8.47 13.85 20.34
N SER A 131 8.67 13.02 21.37
CA SER A 131 9.97 12.81 21.98
C SER A 131 10.37 11.38 21.68
N VAL A 132 11.34 11.22 20.78
CA VAL A 132 11.80 9.92 20.32
C VAL A 132 12.90 9.41 21.25
N PHE A 133 12.69 8.24 21.86
CA PHE A 133 13.72 7.62 22.66
C PHE A 133 14.10 6.25 22.12
N PRO A 134 15.38 5.90 22.19
CA PRO A 134 15.80 4.56 21.75
C PRO A 134 15.26 3.50 22.69
N LEU A 135 14.75 2.42 22.11
CA LEU A 135 14.50 1.20 22.85
C LEU A 135 15.69 0.34 22.53
N ALA A 136 16.62 0.26 23.47
CA ALA A 136 17.95 -0.27 23.19
C ALA A 136 18.04 -1.77 23.30
N PRO A 137 18.62 -2.41 22.30
CA PRO A 137 18.81 -3.85 22.40
C PRO A 137 19.77 -4.18 23.52
N SER A 138 19.44 -5.18 24.32
CA SER A 138 20.28 -5.66 25.39
C SER A 138 20.08 -7.16 25.50
N SER A 139 20.69 -7.77 26.53
CA SER A 139 20.47 -9.19 26.77
C SER A 139 19.00 -9.49 27.02
N LYS A 140 18.25 -8.52 27.55
CA LYS A 140 16.83 -8.69 27.78
C LYS A 140 16.00 -8.55 26.51
N SER A 141 16.58 -7.97 25.45
CA SER A 141 15.92 -7.84 24.16
C SER A 141 16.41 -8.87 23.15
N THR A 142 17.30 -9.77 23.55
CA THR A 142 17.85 -10.80 22.67
C THR A 142 17.18 -12.14 22.96
N SER A 143 17.04 -12.96 21.91
CA SER A 143 16.42 -14.27 22.06
C SER A 143 16.98 -15.19 20.97
N GLY A 144 18.03 -15.93 21.33
CA GLY A 144 18.58 -16.98 20.49
C GLY A 144 18.88 -16.58 19.05
N GLY A 145 19.78 -15.63 18.85
CA GLY A 145 20.18 -15.21 17.54
C GLY A 145 19.47 -13.98 17.01
N THR A 146 18.33 -13.61 17.60
CA THR A 146 17.56 -12.46 17.15
C THR A 146 17.37 -11.51 18.32
N ALA A 147 17.60 -10.22 18.06
CA ALA A 147 17.46 -9.16 19.05
C ALA A 147 16.36 -8.20 18.61
N ALA A 148 15.77 -7.53 19.59
CA ALA A 148 14.71 -6.56 19.34
C ALA A 148 15.19 -5.17 19.74
N LEU A 149 14.88 -4.18 18.93
CA LEU A 149 15.20 -2.78 19.16
C LEU A 149 14.06 -1.92 18.69
N GLY A 150 13.95 -0.71 19.17
CA GLY A 150 12.87 0.13 18.75
C GLY A 150 13.04 1.58 19.15
N CYS A 151 11.96 2.33 18.97
CA CYS A 151 11.91 3.74 19.30
C CYS A 151 10.56 4.05 19.96
N LEU A 152 10.61 4.81 21.06
CA LEU A 152 9.41 5.25 21.75
C LEU A 152 9.08 6.67 21.30
N VAL A 153 7.92 6.82 20.68
CA VAL A 153 7.48 8.10 20.12
C VAL A 153 6.45 8.63 21.11
N LYS A 154 6.91 9.45 22.06
CA LYS A 154 6.09 9.80 23.21
C LYS A 154 5.55 11.23 23.14
N ASP A 155 4.37 11.40 23.75
CA ASP A 155 3.67 12.68 23.91
C ASP A 155 3.73 13.57 22.68
N TYR A 156 2.95 13.23 21.65
CA TYR A 156 2.77 14.08 20.49
C TYR A 156 1.29 14.33 20.25
N PHE A 157 0.98 15.47 19.67
CA PHE A 157 -0.39 15.77 19.29
C PHE A 157 -0.40 16.78 18.14
N PRO A 158 -1.32 16.61 17.18
CA PRO A 158 -2.23 15.46 17.08
C PRO A 158 -1.67 14.37 16.18
N GLU A 159 -2.54 13.50 15.70
CA GLU A 159 -2.14 12.38 14.87
C GLU A 159 -2.08 12.90 13.43
N PRO A 160 -1.43 12.17 12.51
CA PRO A 160 -0.61 10.97 12.62
C PRO A 160 0.86 11.22 12.90
N VAL A 161 1.62 10.14 12.99
CA VAL A 161 3.06 10.12 12.81
C VAL A 161 3.38 8.94 11.92
N THR A 162 4.46 9.05 11.16
CA THR A 162 4.95 7.96 10.34
C THR A 162 6.35 7.58 10.80
N VAL A 163 6.62 6.28 10.86
CA VAL A 163 7.89 5.77 11.36
C VAL A 163 8.50 4.88 10.30
N SER A 164 9.77 5.13 9.97
CA SER A 164 10.49 4.30 9.04
C SER A 164 11.80 3.89 9.70
N TRP A 165 12.42 2.84 9.16
CA TRP A 165 13.71 2.37 9.64
C TRP A 165 14.72 2.38 8.50
N ASN A 166 15.85 3.04 8.74
CA ASN A 166 16.90 3.12 7.74
C ASN A 166 16.36 3.71 6.45
N SER A 167 15.50 4.71 6.59
CA SER A 167 14.93 5.39 5.43
C SER A 167 14.20 4.40 4.53
N GLY A 168 13.56 3.42 5.14
CA GLY A 168 12.77 2.45 4.42
C GLY A 168 13.54 1.26 3.85
N ALA A 169 14.85 1.23 4.06
CA ALA A 169 15.64 0.10 3.64
C ALA A 169 15.23 -1.15 4.41
N LEU A 170 14.92 -0.96 5.68
CA LEU A 170 14.50 -2.05 6.55
C LEU A 170 12.99 -2.05 6.74
N THR A 171 12.35 -3.14 6.33
CA THR A 171 10.91 -3.32 6.44
C THR A 171 10.50 -4.66 7.05
N SER A 172 11.33 -5.68 6.98
CA SER A 172 10.98 -7.00 7.51
C SER A 172 11.19 -7.04 9.02
N GLY A 173 10.20 -7.57 9.75
CA GLY A 173 10.25 -7.61 11.19
C GLY A 173 9.83 -6.31 11.86
N VAL A 174 9.37 -5.33 11.10
CA VAL A 174 8.99 -4.03 11.64
C VAL A 174 7.55 -4.12 12.16
N HIS A 175 7.31 -3.58 13.35
CA HIS A 175 5.95 -3.34 13.85
C HIS A 175 5.86 -1.95 14.42
N THR A 176 5.02 -1.11 13.81
CA THR A 176 4.64 0.18 14.36
C THR A 176 3.25 0.04 14.94
N PHE A 177 3.11 0.28 16.23
CA PHE A 177 1.82 0.00 16.83
C PHE A 177 0.91 1.20 16.72
N PRO A 178 -0.40 0.98 16.73
CA PRO A 178 -1.34 2.11 16.79
C PRO A 178 -1.00 2.99 17.99
N ALA A 179 -1.15 4.30 17.80
CA ALA A 179 -0.91 5.24 18.88
C ALA A 179 -1.83 4.95 20.05
N VAL A 180 -1.40 5.38 21.23
CA VAL A 180 -2.16 5.21 22.46
C VAL A 180 -2.34 6.60 23.06
N LEU A 181 -3.57 6.90 23.48
CA LEU A 181 -3.89 8.22 23.99
C LEU A 181 -3.76 8.20 25.51
N GLN A 182 -2.94 9.10 26.04
CA GLN A 182 -2.65 9.23 27.47
C GLN A 182 -3.72 10.00 28.23
N SER A 183 -3.72 9.88 29.56
CA SER A 183 -4.54 10.76 30.38
C SER A 183 -4.26 12.22 30.07
N SER A 184 -3.01 12.55 29.74
CA SER A 184 -2.65 13.91 29.35
C SER A 184 -3.46 14.40 28.15
N GLY A 185 -3.93 13.50 27.29
CA GLY A 185 -4.50 13.89 26.03
C GLY A 185 -3.53 13.92 24.87
N LEU A 186 -2.36 13.29 25.04
CA LEU A 186 -1.36 13.20 24.00
C LEU A 186 -1.16 11.74 23.61
N TYR A 187 -0.58 11.52 22.43
CA TYR A 187 -0.38 10.19 21.88
C TYR A 187 1.03 9.68 22.10
N SER A 188 1.14 8.35 22.19
CA SER A 188 2.45 7.69 22.20
C SER A 188 2.31 6.36 21.47
N LEU A 189 3.40 5.97 20.82
CA LEU A 189 3.46 4.68 20.15
C LEU A 189 4.89 4.16 20.27
N SER A 190 5.08 2.92 19.84
CA SER A 190 6.41 2.34 19.70
C SER A 190 6.55 1.70 18.33
N SER A 191 7.76 1.76 17.79
CA SER A 191 8.13 1.04 16.58
C SER A 191 9.30 0.13 16.90
N VAL A 192 9.12 -1.18 16.73
CA VAL A 192 10.14 -2.17 17.05
C VAL A 192 10.45 -3.00 15.81
N VAL A 193 11.67 -3.50 15.73
CA VAL A 193 12.09 -4.36 14.62
C VAL A 193 12.92 -5.52 15.15
N THR A 194 12.64 -6.72 14.60
CA THR A 194 13.40 -7.93 14.90
C THR A 194 14.62 -8.00 13.99
N VAL A 195 15.82 -7.94 14.58
CA VAL A 195 17.06 -8.00 13.79
C VAL A 195 17.97 -9.10 14.33
N PRO A 196 18.84 -9.67 13.49
CA PRO A 196 19.84 -10.61 14.00
C PRO A 196 20.73 -9.95 15.04
N SER A 197 21.00 -10.69 16.12
CA SER A 197 21.86 -10.16 17.16
C SER A 197 23.32 -10.16 16.76
N SER A 198 23.68 -10.77 15.63
CA SER A 198 25.03 -10.64 15.14
C SER A 198 25.27 -9.27 14.51
N SER A 199 24.23 -8.66 13.97
CA SER A 199 24.35 -7.40 13.25
C SER A 199 24.29 -6.18 14.15
N LEU A 200 24.09 -6.35 15.45
CA LEU A 200 24.05 -5.20 16.35
C LEU A 200 25.40 -4.50 16.42
N GLY A 201 26.49 -5.28 16.45
CA GLY A 201 27.81 -4.69 16.43
C GLY A 201 28.24 -4.17 15.07
N THR A 202 27.58 -4.63 14.02
CA THR A 202 27.95 -4.29 12.65
C THR A 202 27.00 -3.31 12.00
N GLN A 203 25.69 -3.48 12.16
CA GLN A 203 24.70 -2.72 11.41
C GLN A 203 24.17 -1.54 12.22
N THR A 204 24.03 -0.40 11.55
CA THR A 204 23.41 0.79 12.13
C THR A 204 21.90 0.73 11.94
N TYR A 205 21.16 1.17 12.96
CA TYR A 205 19.70 1.19 12.93
C TYR A 205 19.20 2.56 13.34
N ILE A 206 18.51 3.22 12.41
CA ILE A 206 17.93 4.55 12.61
C ILE A 206 16.42 4.43 12.39
N CYS A 207 15.66 4.96 13.34
CA CYS A 207 14.21 5.08 13.18
C CYS A 207 13.89 6.51 12.76
N ASN A 208 13.11 6.65 11.70
CA ASN A 208 12.77 7.95 11.15
C ASN A 208 11.33 8.26 11.55
N VAL A 209 11.17 9.24 12.43
CA VAL A 209 9.86 9.67 12.91
C VAL A 209 9.53 11.01 12.27
N ASN A 210 8.32 11.14 11.74
CA ASN A 210 7.88 12.37 11.10
C ASN A 210 6.50 12.72 11.64
N HIS A 211 6.35 13.95 12.14
CA HIS A 211 5.08 14.45 12.66
C HIS A 211 4.73 15.72 11.88
N LYS A 212 3.91 15.54 10.84
CA LYS A 212 3.55 16.66 9.96
C LYS A 212 2.81 17.79 10.68
N PRO A 213 1.86 17.55 11.58
CA PRO A 213 1.18 18.69 12.24
C PRO A 213 2.12 19.68 12.92
N SER A 214 3.16 19.22 13.61
CA SER A 214 4.11 20.12 14.25
C SER A 214 5.38 20.31 13.44
N ASN A 215 5.51 19.63 12.30
CA ASN A 215 6.65 19.81 11.41
C ASN A 215 7.92 19.28 12.06
N THR A 216 7.80 18.16 12.76
CA THR A 216 8.90 17.58 13.50
C THR A 216 9.48 16.43 12.69
N LYS A 217 10.79 16.47 12.43
CA LYS A 217 11.49 15.44 11.69
C LYS A 217 12.67 14.96 12.55
N VAL A 218 12.56 13.75 13.08
CA VAL A 218 13.54 13.21 14.00
C VAL A 218 14.14 11.95 13.40
N ASP A 219 15.47 11.84 13.47
CA ASP A 219 16.19 10.63 13.11
C ASP A 219 17.07 10.27 14.31
N LYS A 220 16.77 9.12 14.92
CA LYS A 220 17.40 8.70 16.17
C LYS A 220 18.07 7.35 15.97
N LYS A 221 19.34 7.28 16.33
CA LYS A 221 20.04 6.01 16.29
C LYS A 221 19.76 5.23 17.56
N VAL A 222 19.58 3.92 17.40
CA VAL A 222 19.38 3.03 18.54
C VAL A 222 20.61 2.16 18.66
N GLU A 223 21.27 2.23 19.81
CA GLU A 223 22.50 1.52 20.03
C GLU A 223 22.32 0.44 21.07
N PRO A 224 23.18 -0.57 21.08
CA PRO A 224 23.21 -1.50 22.22
C PRO A 224 23.47 -0.75 23.52
N LYS A 225 22.87 -1.24 24.60
CA LYS A 225 23.09 -0.63 25.90
C LYS A 225 24.51 -0.93 26.38
N SER A 226 25.25 0.12 26.71
CA SER A 226 26.63 0.00 27.16
C SER A 226 26.74 0.45 28.62
N CYS A 227 27.77 -0.08 29.28
CA CYS A 227 28.02 0.29 30.67
C CYS A 227 28.71 1.65 30.75
N GLN B 1 -31.95 4.18 16.85
CA GLN B 1 -32.88 3.50 15.94
C GLN B 1 -32.89 2.00 16.20
N ILE B 2 -32.85 1.22 15.12
CA ILE B 2 -32.82 -0.23 15.24
C ILE B 2 -31.40 -0.66 15.57
N VAL B 3 -31.24 -1.51 16.58
CA VAL B 3 -29.92 -1.98 16.97
C VAL B 3 -29.62 -3.29 16.25
N LEU B 4 -28.40 -3.42 15.76
CA LEU B 4 -27.94 -4.61 15.07
C LEU B 4 -26.76 -5.18 15.84
N THR B 5 -26.87 -6.44 16.27
CA THR B 5 -25.82 -7.13 16.99
C THR B 5 -25.27 -8.25 16.11
N GLN B 6 -23.96 -8.31 15.99
CA GLN B 6 -23.31 -9.26 15.10
C GLN B 6 -22.59 -10.35 15.87
N SER B 7 -22.76 -11.59 15.43
CA SER B 7 -22.07 -12.73 15.99
C SER B 7 -21.54 -13.55 14.81
N PRO B 8 -20.34 -14.14 14.96
CA PRO B 8 -19.36 -13.98 16.04
C PRO B 8 -18.78 -12.57 16.12
N ALA B 9 -18.24 -12.20 17.29
CA ALA B 9 -17.45 -10.98 17.40
C ALA B 9 -16.14 -11.11 16.63
N THR B 10 -15.46 -12.24 16.79
CA THR B 10 -14.28 -12.59 16.01
C THR B 10 -14.47 -14.01 15.50
N LEU B 11 -14.16 -14.21 14.21
CA LEU B 11 -14.28 -15.53 13.59
C LEU B 11 -12.92 -15.90 13.02
N SER B 12 -12.39 -17.04 13.45
CA SER B 12 -11.07 -17.51 13.08
C SER B 12 -11.21 -18.72 12.17
N LEU B 13 -10.74 -18.60 10.93
CA LEU B 13 -10.87 -19.68 9.97
C LEU B 13 -9.65 -19.70 9.06
N SER B 14 -9.48 -20.80 8.39
CA SER B 14 -8.42 -20.97 7.40
CA SER B 14 -8.42 -20.97 7.40
C SER B 14 -8.95 -20.70 6.00
N PRO B 15 -8.09 -20.23 5.09
CA PRO B 15 -8.55 -20.08 3.70
C PRO B 15 -9.03 -21.41 3.14
N GLY B 16 -9.97 -21.33 2.20
CA GLY B 16 -10.61 -22.53 1.70
C GLY B 16 -11.77 -22.99 2.55
N GLU B 17 -11.74 -22.67 3.84
CA GLU B 17 -12.88 -22.95 4.71
C GLU B 17 -13.98 -21.92 4.43
N ARG B 18 -15.01 -21.94 5.28
CA ARG B 18 -16.25 -21.28 4.94
C ARG B 18 -16.88 -20.65 6.16
N ALA B 19 -17.36 -19.42 6.01
CA ALA B 19 -17.76 -18.58 7.13
C ALA B 19 -19.26 -18.33 7.15
N THR B 20 -19.80 -18.27 8.36
CA THR B 20 -21.20 -17.91 8.60
C THR B 20 -21.22 -16.82 9.66
N LEU B 21 -21.67 -15.63 9.26
CA LEU B 21 -21.73 -14.48 10.14
C LEU B 21 -23.17 -14.06 10.37
N SER B 22 -23.54 -13.86 11.63
CA SER B 22 -24.92 -13.55 11.98
C SER B 22 -25.09 -12.08 12.30
N CYS B 23 -26.30 -11.57 12.06
CA CYS B 23 -26.69 -10.22 12.44
C CYS B 23 -28.17 -10.23 12.77
N ARG B 24 -28.50 -9.89 14.02
CA ARG B 24 -29.87 -9.89 14.49
C ARG B 24 -30.30 -8.48 14.88
N ALA B 25 -31.52 -8.12 14.51
CA ALA B 25 -32.09 -6.80 14.74
C ALA B 25 -33.09 -6.86 15.88
N SER B 26 -33.19 -5.76 16.64
CA SER B 26 -34.12 -5.72 17.75
C SER B 26 -35.56 -5.68 17.27
N GLN B 27 -35.78 -5.00 16.15
CA GLN B 27 -37.09 -4.96 15.50
C GLN B 27 -36.92 -5.23 14.00
N SER B 28 -37.97 -5.72 13.37
CA SER B 28 -37.88 -6.21 11.99
C SER B 28 -37.46 -5.10 11.04
N VAL B 29 -36.42 -5.38 10.24
CA VAL B 29 -35.96 -4.47 9.22
C VAL B 29 -36.43 -4.89 7.82
N SER B 30 -37.40 -5.82 7.75
CA SER B 30 -37.94 -6.34 6.48
C SER B 30 -36.79 -6.98 5.71
N ASN B 31 -36.51 -6.58 4.48
CA ASN B 31 -35.39 -7.11 3.71
C ASN B 31 -34.33 -6.06 3.42
N HIS B 32 -34.43 -4.90 4.07
CA HIS B 32 -33.49 -3.82 3.82
C HIS B 32 -32.25 -3.95 4.70
N LEU B 33 -31.47 -4.99 4.42
CA LEU B 33 -30.22 -5.24 5.10
C LEU B 33 -29.07 -5.42 4.11
N ALA B 34 -27.97 -4.74 4.36
CA ALA B 34 -26.81 -4.80 3.50
C ALA B 34 -25.60 -5.31 4.28
N TRP B 35 -24.58 -5.75 3.54
CA TRP B 35 -23.33 -6.21 4.12
C TRP B 35 -22.18 -5.42 3.52
N TYR B 36 -21.30 -4.92 4.38
CA TYR B 36 -20.14 -4.16 3.97
C TYR B 36 -18.86 -4.85 4.45
N GLN B 37 -17.81 -4.73 3.65
CA GLN B 37 -16.48 -5.22 3.99
C GLN B 37 -15.54 -4.03 4.16
N GLN B 38 -14.68 -4.11 5.17
CA GLN B 38 -13.72 -3.04 5.41
C GLN B 38 -12.38 -3.62 5.82
N LYS B 39 -11.31 -3.08 5.23
CA LYS B 39 -9.94 -3.41 5.59
C LYS B 39 -9.22 -2.17 6.13
N PRO B 40 -8.17 -2.36 6.93
CA PRO B 40 -7.43 -1.22 7.50
C PRO B 40 -7.11 -0.14 6.48
N GLY B 41 -7.43 1.11 6.82
CA GLY B 41 -7.04 2.23 6.00
C GLY B 41 -7.86 2.41 4.73
N GLN B 42 -8.99 1.74 4.60
CA GLN B 42 -9.82 1.83 3.42
C GLN B 42 -11.26 2.13 3.81
N ALA B 43 -11.96 2.82 2.93
CA ALA B 43 -13.38 3.01 3.08
C ALA B 43 -14.09 1.65 2.98
N PRO B 44 -15.26 1.52 3.62
CA PRO B 44 -16.00 0.26 3.50
C PRO B 44 -16.45 0.03 2.07
N ARG B 45 -16.86 -1.21 1.79
CA ARG B 45 -17.31 -1.54 0.44
C ARG B 45 -18.51 -2.47 0.50
N LEU B 46 -19.52 -2.16 -0.31
CA LEU B 46 -20.75 -2.94 -0.35
C LEU B 46 -20.50 -4.33 -0.93
N LEU B 47 -20.98 -5.35 -0.23
CA LEU B 47 -20.99 -6.73 -0.72
C LEU B 47 -22.38 -7.16 -1.17
N ILE B 48 -23.34 -7.06 -0.27
CA ILE B 48 -24.70 -7.55 -0.48
C ILE B 48 -25.65 -6.40 -0.20
N TYR B 49 -26.64 -6.22 -1.05
CA TYR B 49 -27.69 -5.27 -0.80
C TYR B 49 -29.04 -5.96 -0.88
N GLU B 50 -29.99 -5.43 -0.11
CA GLU B 50 -31.31 -6.02 0.06
C GLU B 50 -31.20 -7.52 0.34
N THR B 51 -30.49 -7.84 1.42
CA THR B 51 -30.43 -9.19 1.95
C THR B 51 -29.59 -10.17 1.15
N SER B 52 -29.87 -10.31 -0.15
CA SER B 52 -29.33 -11.43 -0.91
C SER B 52 -28.71 -11.08 -2.27
N ASN B 53 -28.66 -9.81 -2.61
CA ASN B 53 -28.17 -9.39 -3.91
C ASN B 53 -26.73 -8.89 -3.84
N ARG B 54 -25.88 -9.42 -4.71
CA ARG B 54 -24.49 -8.99 -4.71
C ARG B 54 -24.29 -7.75 -5.58
N ALA B 55 -23.46 -6.84 -5.11
CA ALA B 55 -23.01 -5.73 -5.91
C ALA B 55 -22.17 -6.24 -7.08
N THR B 56 -21.95 -5.35 -8.05
CA THR B 56 -21.18 -5.74 -9.23
C THR B 56 -19.74 -6.06 -8.84
N GLY B 57 -19.22 -7.17 -9.35
CA GLY B 57 -17.87 -7.59 -9.07
C GLY B 57 -17.70 -8.44 -7.83
N ILE B 58 -18.74 -8.62 -7.03
CA ILE B 58 -18.65 -9.42 -5.80
C ILE B 58 -18.62 -10.89 -6.16
N PRO B 59 -17.61 -11.64 -5.71
CA PRO B 59 -17.49 -13.05 -6.10
C PRO B 59 -18.73 -13.82 -5.73
N PRO B 60 -19.11 -14.84 -6.52
CA PRO B 60 -20.26 -15.68 -6.15
C PRO B 60 -20.13 -16.38 -4.82
N ARG B 61 -18.91 -16.52 -4.27
CA ARG B 61 -18.74 -17.24 -3.03
C ARG B 61 -19.40 -16.55 -1.83
N PHE B 62 -19.74 -15.27 -1.96
CA PHE B 62 -20.52 -14.56 -0.95
C PHE B 62 -22.00 -14.68 -1.25
N SER B 63 -22.79 -14.92 -0.21
CA SER B 63 -24.24 -14.99 -0.36
C SER B 63 -24.88 -14.46 0.92
N GLY B 64 -25.99 -13.76 0.75
CA GLY B 64 -26.74 -13.24 1.87
C GLY B 64 -28.12 -13.87 1.97
N SER B 65 -28.72 -13.84 3.15
CA SER B 65 -29.99 -14.51 3.39
C SER B 65 -30.50 -14.10 4.77
N GLY B 66 -31.80 -14.24 4.96
CA GLY B 66 -32.47 -13.82 6.17
C GLY B 66 -33.70 -13.00 5.88
N SER B 67 -34.44 -12.72 6.96
CA SER B 67 -35.68 -11.97 6.85
C SER B 67 -36.03 -11.38 8.21
N GLY B 68 -36.47 -10.13 8.20
CA GLY B 68 -36.95 -9.50 9.43
C GLY B 68 -35.87 -9.24 10.44
N THR B 69 -35.63 -10.20 11.34
CA THR B 69 -34.66 -10.04 12.41
C THR B 69 -33.38 -10.85 12.24
N ASP B 70 -33.46 -12.05 11.66
CA ASP B 70 -32.29 -12.93 11.53
C ASP B 70 -31.73 -12.84 10.12
N PHE B 71 -30.42 -12.61 10.01
CA PHE B 71 -29.74 -12.61 8.72
C PHE B 71 -28.37 -13.26 8.84
N THR B 72 -27.88 -13.77 7.72
CA THR B 72 -26.60 -14.45 7.67
C THR B 72 -25.87 -14.08 6.38
N LEU B 73 -24.57 -13.87 6.48
CA LEU B 73 -23.68 -13.70 5.33
C LEU B 73 -22.76 -14.91 5.25
N THR B 74 -22.77 -15.61 4.13
CA THR B 74 -22.02 -16.84 3.94
C THR B 74 -20.92 -16.65 2.91
N ILE B 75 -19.70 -17.07 3.25
CA ILE B 75 -18.56 -17.09 2.34
C ILE B 75 -18.19 -18.57 2.14
N SER B 76 -18.47 -19.10 0.94
CA SER B 76 -18.51 -20.54 0.74
C SER B 76 -17.13 -21.21 0.88
N SER B 77 -16.06 -20.56 0.43
CA SER B 77 -14.71 -21.02 0.70
C SER B 77 -13.78 -19.82 0.64
N LEU B 78 -13.24 -19.42 1.78
CA LEU B 78 -12.63 -18.11 1.96
C LEU B 78 -11.30 -17.98 1.22
N GLU B 79 -11.13 -16.84 0.57
CA GLU B 79 -9.92 -16.34 -0.07
C GLU B 79 -9.15 -15.48 0.90
N PRO B 80 -7.85 -15.26 0.66
CA PRO B 80 -7.10 -14.33 1.52
C PRO B 80 -7.70 -12.93 1.59
N GLU B 81 -8.33 -12.44 0.52
CA GLU B 81 -8.99 -11.14 0.57
C GLU B 81 -10.03 -11.07 1.69
N ASP B 82 -10.77 -12.15 1.92
CA ASP B 82 -12.02 -12.04 2.67
C ASP B 82 -11.82 -11.90 4.18
N PHE B 83 -10.59 -11.92 4.69
CA PHE B 83 -10.37 -11.78 6.13
C PHE B 83 -10.26 -10.30 6.44
N ALA B 84 -11.28 -9.76 7.09
CA ALA B 84 -11.43 -8.32 7.29
C ALA B 84 -12.60 -8.13 8.26
N VAL B 85 -13.08 -6.90 8.35
CA VAL B 85 -14.23 -6.60 9.19
C VAL B 85 -15.46 -6.52 8.31
N TYR B 86 -16.56 -7.09 8.80
CA TYR B 86 -17.84 -7.11 8.09
C TYR B 86 -18.89 -6.42 8.94
N TYR B 87 -19.67 -5.55 8.32
CA TYR B 87 -20.73 -4.82 8.99
C TYR B 87 -22.05 -5.13 8.32
N CYS B 88 -23.04 -5.57 9.11
CA CYS B 88 -24.39 -5.52 8.61
C CYS B 88 -24.93 -4.11 8.76
N GLN B 89 -25.88 -3.77 7.88
CA GLN B 89 -26.49 -2.45 7.88
C GLN B 89 -27.97 -2.55 7.50
N GLN B 90 -28.81 -1.85 8.24
CA GLN B 90 -30.23 -1.75 7.93
C GLN B 90 -30.58 -0.37 7.40
N ARG B 91 -31.56 -0.33 6.49
CA ARG B 91 -32.08 0.95 5.99
C ARG B 91 -33.61 0.92 5.97
N ASN B 92 -34.21 0.11 6.84
CA ASN B 92 -35.65 0.14 7.09
C ASN B 92 -36.18 1.36 7.86
N ASN B 93 -35.49 1.69 8.95
CA ASN B 93 -35.73 2.91 9.68
C ASN B 93 -34.41 3.64 9.79
N TRP B 94 -34.21 4.61 8.92
CA TRP B 94 -32.95 5.32 8.80
C TRP B 94 -31.83 4.33 8.52
N TYR B 95 -30.61 4.65 8.92
CA TYR B 95 -29.50 3.76 8.66
C TYR B 95 -28.77 3.43 9.96
N THR B 96 -28.40 2.16 10.10
CA THR B 96 -27.70 1.69 11.30
C THR B 96 -26.74 0.59 10.90
N PHE B 97 -25.52 0.66 11.41
CA PHE B 97 -24.53 -0.39 11.28
C PHE B 97 -24.47 -1.24 12.55
N GLY B 98 -24.12 -2.52 12.37
CA GLY B 98 -23.77 -3.34 13.51
C GLY B 98 -22.40 -2.99 14.04
N GLN B 99 -22.05 -3.58 15.18
CA GLN B 99 -20.75 -3.28 15.80
C GLN B 99 -19.59 -3.89 15.04
N GLY B 100 -19.87 -4.81 14.12
CA GLY B 100 -18.84 -5.37 13.27
C GLY B 100 -18.44 -6.77 13.69
N THR B 101 -18.12 -7.59 12.68
CA THR B 101 -17.59 -8.93 12.89
C THR B 101 -16.24 -8.98 12.20
N LYS B 102 -15.21 -9.38 12.95
CA LYS B 102 -13.85 -9.44 12.42
C LYS B 102 -13.53 -10.88 12.05
N LEU B 103 -13.12 -11.10 10.79
CA LEU B 103 -12.80 -12.42 10.26
C LEU B 103 -11.29 -12.57 10.19
N GLU B 104 -10.74 -13.46 11.02
CA GLU B 104 -9.31 -13.63 11.17
C GLU B 104 -8.85 -14.99 10.65
N ILE B 105 -7.61 -15.03 10.16
CA ILE B 105 -7.03 -16.29 9.69
C ILE B 105 -6.64 -17.14 10.90
N LYS B 106 -7.13 -18.38 10.93
CA LYS B 106 -6.77 -19.29 12.01
C LYS B 106 -5.51 -20.05 11.65
N ARG B 107 -4.59 -20.13 12.60
CA ARG B 107 -3.29 -20.77 12.42
C ARG B 107 -2.95 -21.56 13.68
N THR B 108 -1.87 -22.33 13.59
CA THR B 108 -1.40 -23.09 14.75
C THR B 108 -0.93 -22.14 15.85
N VAL B 109 -1.04 -22.61 17.08
CA VAL B 109 -0.65 -21.80 18.21
C VAL B 109 0.84 -21.51 18.14
N ALA B 110 1.19 -20.26 18.37
CA ALA B 110 2.58 -19.83 18.37
C ALA B 110 2.85 -19.03 19.63
N ALA B 111 3.86 -19.44 20.39
CA ALA B 111 4.16 -18.80 21.65
C ALA B 111 4.89 -17.47 21.42
N PRO B 112 4.58 -16.45 22.21
CA PRO B 112 5.28 -15.17 22.07
C PRO B 112 6.73 -15.28 22.53
N SER B 113 7.62 -14.61 21.80
CA SER B 113 8.93 -14.25 22.30
C SER B 113 8.82 -12.89 22.99
N VAL B 114 9.30 -12.80 24.23
CA VAL B 114 9.09 -11.64 25.09
C VAL B 114 10.38 -10.86 25.22
N PHE B 115 10.29 -9.51 25.18
CA PHE B 115 11.44 -8.64 25.45
C PHE B 115 10.99 -7.47 26.30
N ILE B 116 11.74 -7.19 27.34
CA ILE B 116 11.59 -5.98 28.13
C ILE B 116 12.66 -4.99 27.74
N PHE B 117 12.31 -3.70 27.76
CA PHE B 117 13.25 -2.62 27.55
C PHE B 117 13.21 -1.69 28.75
N PRO B 118 14.32 -1.43 29.42
CA PRO B 118 14.36 -0.34 30.41
C PRO B 118 14.06 0.99 29.73
N PRO B 119 13.57 1.97 30.48
CA PRO B 119 13.52 3.33 29.92
C PRO B 119 14.92 3.83 29.60
N SER B 120 15.06 4.41 28.42
CA SER B 120 16.32 5.03 28.02
C SER B 120 16.77 6.05 29.06
N ASP B 121 18.06 6.39 29.00
CA ASP B 121 18.55 7.42 29.90
C ASP B 121 18.23 8.83 29.41
N GLU B 122 17.98 9.04 28.11
CA GLU B 122 17.54 10.36 27.69
C GLU B 122 16.11 10.62 28.11
N GLN B 123 15.28 9.58 28.17
CA GLN B 123 13.94 9.72 28.72
C GLN B 123 13.94 10.04 30.22
N LEU B 124 14.79 9.37 30.97
CA LEU B 124 14.87 9.60 32.41
C LEU B 124 15.33 11.02 32.71
N LYS B 125 16.33 11.51 31.96
CA LYS B 125 16.74 12.89 32.16
C LYS B 125 15.69 13.86 31.66
N SER B 126 14.79 13.42 30.77
CA SER B 126 13.67 14.26 30.37
C SER B 126 12.60 14.33 31.45
N GLY B 127 12.61 13.42 32.42
CA GLY B 127 11.71 13.48 33.55
C GLY B 127 10.64 12.41 33.59
N THR B 128 10.61 11.50 32.62
CA THR B 128 9.63 10.43 32.59
C THR B 128 10.34 9.09 32.51
N ALA B 129 9.57 8.01 32.69
CA ALA B 129 10.11 6.66 32.61
C ALA B 129 9.05 5.74 32.04
N SER B 130 9.35 5.10 30.92
CA SER B 130 8.46 4.15 30.29
C SER B 130 9.17 2.80 30.21
N VAL B 131 8.50 1.76 30.71
CA VAL B 131 9.00 0.40 30.61
C VAL B 131 8.15 -0.31 29.57
N VAL B 132 8.81 -0.89 28.57
CA VAL B 132 8.13 -1.51 27.43
C VAL B 132 8.38 -3.00 27.47
N CYS B 133 7.31 -3.78 27.44
CA CYS B 133 7.39 -5.22 27.26
C CYS B 133 6.76 -5.57 25.91
N LEU B 134 7.48 -6.35 25.12
CA LEU B 134 7.09 -6.63 23.74
C LEU B 134 6.83 -8.12 23.56
N LEU B 135 5.65 -8.45 23.04
CA LEU B 135 5.29 -9.80 22.65
C LEU B 135 5.24 -9.82 21.14
N ASN B 136 6.08 -10.66 20.52
CA ASN B 136 6.32 -10.59 19.09
C ASN B 136 5.93 -11.91 18.43
N ASN B 137 5.14 -11.82 17.35
CA ASN B 137 4.82 -12.95 16.49
C ASN B 137 4.22 -14.12 17.27
N PHE B 138 3.03 -13.89 17.84
CA PHE B 138 2.33 -14.92 18.59
C PHE B 138 0.92 -15.10 18.05
N TYR B 139 0.31 -16.22 18.46
CA TYR B 139 -1.08 -16.55 18.14
C TYR B 139 -1.45 -17.70 19.07
N PRO B 140 -2.67 -17.66 19.65
CA PRO B 140 -3.70 -16.64 19.40
C PRO B 140 -3.45 -15.30 20.06
N ARG B 141 -4.35 -14.37 19.77
CA ARG B 141 -4.18 -12.98 20.19
C ARG B 141 -4.38 -12.80 21.68
N GLU B 142 -5.21 -13.64 22.32
CA GLU B 142 -5.49 -13.51 23.74
C GLU B 142 -4.22 -13.77 24.54
N ALA B 143 -3.72 -12.72 25.21
CA ALA B 143 -2.53 -12.82 26.02
C ALA B 143 -2.68 -11.94 27.24
N LYS B 144 -2.15 -12.40 28.36
CA LYS B 144 -2.19 -11.65 29.62
C LYS B 144 -0.77 -11.19 29.93
N VAL B 145 -0.55 -9.88 29.94
CA VAL B 145 0.75 -9.29 30.25
C VAL B 145 0.67 -8.67 31.62
N GLN B 146 1.58 -9.06 32.51
CA GLN B 146 1.54 -8.57 33.89
C GLN B 146 2.82 -7.86 34.31
N TRP B 147 2.67 -6.70 34.94
CA TRP B 147 3.81 -5.91 35.39
C TRP B 147 4.03 -6.06 36.90
N LYS B 148 5.28 -6.38 37.27
CA LYS B 148 5.72 -6.51 38.66
C LYS B 148 6.91 -5.60 38.89
N VAL B 149 6.85 -4.81 39.96
CA VAL B 149 7.96 -3.95 40.37
C VAL B 149 8.37 -4.39 41.77
N ASP B 150 9.52 -5.04 41.88
CA ASP B 150 9.95 -5.70 43.10
C ASP B 150 8.83 -6.59 43.64
N ASN B 151 8.25 -7.37 42.73
CA ASN B 151 7.22 -8.38 43.02
C ASN B 151 5.93 -7.76 43.56
N ALA B 152 5.70 -6.48 43.29
CA ALA B 152 4.44 -5.83 43.61
C ALA B 152 3.66 -5.64 42.31
N LEU B 153 2.48 -6.25 42.24
CA LEU B 153 1.66 -6.20 41.04
C LEU B 153 1.17 -4.80 40.74
N GLN B 154 1.21 -4.44 39.46
CA GLN B 154 0.83 -3.10 39.04
C GLN B 154 -0.54 -3.05 38.38
N SER B 155 -1.27 -1.97 38.61
CA SER B 155 -2.59 -1.81 38.02
C SER B 155 -2.82 -0.34 37.75
N GLY B 156 -3.37 -0.03 36.56
CA GLY B 156 -3.71 1.33 36.22
C GLY B 156 -2.60 2.14 35.58
N ASN B 157 -1.36 1.65 35.59
CA ASN B 157 -0.24 2.40 35.03
C ASN B 157 0.36 1.74 33.80
N SER B 158 -0.33 0.77 33.21
CA SER B 158 0.11 0.05 32.02
C SER B 158 -0.92 0.23 30.92
N GLN B 159 -0.43 0.33 29.68
CA GLN B 159 -1.28 0.46 28.51
C GLN B 159 -0.81 -0.49 27.40
N GLU B 160 -1.76 -1.15 26.73
CA GLU B 160 -1.45 -2.12 25.70
C GLU B 160 -1.72 -1.57 24.31
N SER B 161 -1.04 -2.17 23.33
CA SER B 161 -1.25 -1.87 21.93
C SER B 161 -0.91 -3.11 21.11
N VAL B 162 -1.78 -3.44 20.15
CA VAL B 162 -1.66 -4.66 19.37
C VAL B 162 -1.58 -4.29 17.89
N THR B 163 -0.76 -5.02 17.14
CA THR B 163 -0.71 -4.84 15.70
C THR B 163 -1.86 -5.57 15.03
N GLU B 164 -2.03 -5.28 13.74
CA GLU B 164 -2.95 -6.08 12.95
C GLU B 164 -2.31 -7.42 12.63
N GLN B 165 -3.12 -8.37 12.19
CA GLN B 165 -2.60 -9.69 11.90
C GLN B 165 -1.62 -9.59 10.76
N ASP B 166 -0.46 -10.22 10.93
CA ASP B 166 0.59 -10.16 9.92
C ASP B 166 0.14 -10.89 8.65
N SER B 167 0.56 -10.36 7.50
CA SER B 167 0.08 -10.88 6.23
C SER B 167 0.67 -12.24 5.88
N LYS B 168 1.91 -12.51 6.28
CA LYS B 168 2.60 -13.73 5.88
C LYS B 168 2.49 -14.84 6.90
N ASP B 169 2.74 -14.55 8.18
CA ASP B 169 2.71 -15.56 9.23
C ASP B 169 1.43 -15.57 10.04
N SER B 170 0.56 -14.57 9.86
CA SER B 170 -0.75 -14.52 10.51
C SER B 170 -0.64 -14.53 12.03
N THR B 171 0.39 -13.87 12.55
CA THR B 171 0.56 -13.68 13.99
C THR B 171 0.25 -12.24 14.36
N TYR B 172 0.22 -11.98 15.66
CA TYR B 172 0.10 -10.64 16.20
C TYR B 172 1.35 -10.27 16.98
N SER B 173 1.52 -8.97 17.18
CA SER B 173 2.53 -8.45 18.09
C SER B 173 1.89 -7.40 18.99
N LEU B 174 2.40 -7.30 20.22
CA LEU B 174 1.80 -6.46 21.23
C LEU B 174 2.87 -5.85 22.12
N SER B 175 2.63 -4.62 22.53
CA SER B 175 3.49 -3.89 23.45
C SER B 175 2.69 -3.46 24.66
N SER B 176 3.22 -3.72 25.84
CA SER B 176 2.65 -3.25 27.09
C SER B 176 3.64 -2.27 27.70
N THR B 177 3.18 -1.06 27.98
CA THR B 177 4.06 0.01 28.44
C THR B 177 3.71 0.37 29.88
N LEU B 178 4.69 0.22 30.78
CA LEU B 178 4.56 0.69 32.16
C LEU B 178 4.99 2.14 32.20
N THR B 179 4.03 3.04 32.42
CA THR B 179 4.28 4.46 32.51
C THR B 179 4.29 4.83 33.99
N LEU B 180 5.46 5.24 34.47
CA LEU B 180 5.64 5.63 35.86
C LEU B 180 6.30 7.00 35.88
N SER B 181 6.11 7.72 36.98
CA SER B 181 6.90 8.91 37.19
C SER B 181 8.35 8.49 37.41
N LYS B 182 9.28 9.34 36.96
CA LYS B 182 10.69 8.99 37.14
C LYS B 182 11.04 8.84 38.61
N ALA B 183 10.40 9.61 39.48
CA ALA B 183 10.67 9.53 40.91
C ALA B 183 10.37 8.13 41.43
N ASP B 184 9.20 7.58 41.08
CA ASP B 184 8.82 6.27 41.56
C ASP B 184 9.56 5.14 40.84
N TYR B 185 10.13 5.42 39.66
CA TYR B 185 10.91 4.41 38.97
C TYR B 185 12.28 4.22 39.60
N GLU B 186 12.88 5.30 40.13
CA GLU B 186 14.24 5.22 40.67
C GLU B 186 14.27 4.77 42.12
N LYS B 187 13.11 4.62 42.75
CA LYS B 187 13.07 4.01 44.08
C LYS B 187 13.32 2.52 44.02
N HIS B 188 12.75 1.86 43.01
CA HIS B 188 12.66 0.42 42.97
C HIS B 188 13.70 -0.17 42.02
N LYS B 189 13.91 -1.45 42.20
CA LYS B 189 14.92 -2.17 41.48
C LYS B 189 14.53 -3.21 40.45
N VAL B 190 13.64 -4.11 40.78
CA VAL B 190 13.26 -5.16 39.86
C VAL B 190 11.97 -4.88 39.12
N TYR B 191 12.05 -4.81 37.81
CA TYR B 191 10.90 -4.60 36.93
C TYR B 191 10.71 -5.82 36.06
N ALA B 192 9.55 -6.45 36.10
CA ALA B 192 9.31 -7.67 35.36
C ALA B 192 7.97 -7.58 34.67
N CYS B 193 7.88 -8.17 33.47
CA CYS B 193 6.60 -8.37 32.80
C CYS B 193 6.39 -9.87 32.66
N GLU B 194 5.36 -10.37 33.32
CA GLU B 194 5.03 -11.79 33.29
C GLU B 194 3.97 -12.01 32.22
N VAL B 195 4.25 -12.92 31.29
CA VAL B 195 3.39 -13.13 30.14
C VAL B 195 2.83 -14.54 30.21
N THR B 196 1.50 -14.64 30.20
CA THR B 196 0.80 -15.91 30.15
C THR B 196 0.11 -16.02 28.80
N HIS B 197 0.33 -17.14 28.11
CA HIS B 197 -0.23 -17.31 26.77
C HIS B 197 -0.39 -18.80 26.49
N GLN B 198 -1.28 -19.11 25.57
CA GLN B 198 -1.70 -20.48 25.30
C GLN B 198 -0.51 -21.33 24.86
N GLY B 199 0.39 -20.73 24.11
CA GLY B 199 1.55 -21.44 23.59
C GLY B 199 2.71 -21.61 24.53
N LEU B 200 2.62 -21.08 25.74
CA LEU B 200 3.71 -21.17 26.70
C LEU B 200 3.53 -22.35 27.63
N SER B 201 4.63 -23.07 27.89
CA SER B 201 4.60 -24.19 28.82
C SER B 201 4.31 -23.72 30.25
N SER B 202 4.68 -22.49 30.57
CA SER B 202 4.39 -21.87 31.85
C SER B 202 4.56 -20.37 31.70
N PRO B 203 4.01 -19.57 32.63
CA PRO B 203 4.19 -18.12 32.53
C PRO B 203 5.65 -17.74 32.34
N VAL B 204 5.91 -16.87 31.36
CA VAL B 204 7.25 -16.37 31.07
C VAL B 204 7.41 -15.01 31.71
N THR B 205 8.51 -14.82 32.43
CA THR B 205 8.83 -13.56 33.08
C THR B 205 10.13 -13.03 32.50
N LYS B 206 10.07 -11.83 31.93
CA LYS B 206 11.26 -11.11 31.50
C LYS B 206 11.47 -9.94 32.45
N SER B 207 12.66 -9.84 33.02
CA SER B 207 12.91 -8.86 34.06
C SER B 207 14.29 -8.25 33.88
N PHE B 208 14.45 -7.07 34.46
CA PHE B 208 15.73 -6.39 34.55
C PHE B 208 15.76 -5.66 35.87
N ASN B 209 16.97 -5.27 36.26
CA ASN B 209 17.21 -4.45 37.44
C ASN B 209 17.64 -3.06 37.01
N ARG B 210 16.99 -2.04 37.55
CA ARG B 210 17.32 -0.67 37.21
C ARG B 210 18.80 -0.40 37.35
N GLY B 211 19.44 0.00 36.25
CA GLY B 211 20.85 0.33 36.25
C GLY B 211 21.77 -0.72 35.66
N GLU B 212 21.24 -1.86 35.23
CA GLU B 212 22.09 -2.89 34.65
C GLU B 212 22.32 -2.63 33.17
N CYS B 213 23.45 -3.12 32.66
CA CYS B 213 23.76 -2.99 31.24
C CYS B 213 23.04 -4.07 30.45
N GLU C 1 14.29 -18.11 7.43
CA GLU C 1 14.33 -16.66 7.27
C GLU C 1 15.24 -16.30 6.10
N GLU C 2 15.37 -17.22 5.14
CA GLU C 2 16.24 -16.98 3.99
C GLU C 2 15.86 -15.69 3.27
N GLN C 3 16.89 -14.93 2.90
CA GLN C 3 16.72 -13.62 2.29
C GLN C 3 17.97 -13.26 1.50
N LEU C 4 17.79 -12.43 0.47
CA LEU C 4 18.89 -11.88 -0.29
C LEU C 4 18.86 -10.37 -0.18
N VAL C 5 20.02 -9.77 0.01
CA VAL C 5 20.15 -8.32 0.14
C VAL C 5 21.25 -7.87 -0.79
N GLU C 6 20.94 -6.96 -1.70
CA GLU C 6 21.92 -6.38 -2.61
C GLU C 6 22.38 -5.02 -2.10
N SER C 7 23.59 -4.65 -2.51
CA SER C 7 24.16 -3.36 -2.13
C SER C 7 25.21 -2.99 -3.16
N GLY C 8 25.73 -1.76 -3.04
CA GLY C 8 26.74 -1.26 -3.94
C GLY C 8 26.23 -0.37 -5.05
N GLY C 9 24.92 -0.31 -5.27
CA GLY C 9 24.37 0.52 -6.33
C GLY C 9 24.54 2.01 -6.04
N GLY C 10 24.31 2.80 -7.09
CA GLY C 10 24.41 4.24 -6.97
C GLY C 10 24.61 4.89 -8.31
N LEU C 11 24.94 6.18 -8.25
CA LEU C 11 25.16 6.99 -9.44
C LEU C 11 26.57 6.80 -9.97
N VAL C 12 26.70 6.66 -11.28
CA VAL C 12 27.97 6.43 -11.95
C VAL C 12 27.93 7.05 -13.34
N GLN C 13 29.12 7.47 -13.84
CA GLN C 13 29.20 8.08 -15.16
C GLN C 13 29.52 7.03 -16.21
N PRO C 14 29.14 7.26 -17.46
CA PRO C 14 29.40 6.26 -18.50
C PRO C 14 30.90 5.99 -18.65
N GLY C 15 31.23 4.72 -18.86
CA GLY C 15 32.62 4.32 -18.98
C GLY C 15 33.32 3.98 -17.69
N ARG C 16 32.66 4.14 -16.55
CA ARG C 16 33.31 3.93 -15.26
C ARG C 16 32.94 2.55 -14.71
N SER C 17 33.17 2.33 -13.41
CA SER C 17 33.07 1.00 -12.83
C SER C 17 32.42 1.05 -11.44
N LEU C 18 31.60 0.04 -11.18
CA LEU C 18 30.87 -0.09 -9.91
C LEU C 18 30.82 -1.57 -9.53
N ARG C 19 30.77 -1.86 -8.23
CA ARG C 19 30.70 -3.23 -7.75
C ARG C 19 29.50 -3.53 -6.87
N LEU C 20 28.83 -4.66 -7.11
CA LEU C 20 27.62 -5.03 -6.39
C LEU C 20 27.81 -6.29 -5.54
N SER C 21 27.26 -6.31 -4.33
CA SER C 21 27.35 -7.49 -3.48
C SER C 21 25.96 -8.07 -3.25
N CYS C 22 25.90 -9.39 -3.10
CA CYS C 22 24.70 -10.09 -2.66
C CYS C 22 25.08 -11.04 -1.54
N VAL C 23 24.55 -10.82 -0.35
CA VAL C 23 24.82 -11.65 0.81
C VAL C 23 23.56 -12.42 1.17
N GLY C 24 23.66 -13.75 1.16
CA GLY C 24 22.62 -14.57 1.71
C GLY C 24 22.73 -14.74 3.20
N SER C 25 21.61 -15.06 3.83
CA SER C 25 21.56 -15.30 5.26
C SER C 25 20.42 -16.26 5.52
N GLY C 26 20.64 -17.15 6.48
CA GLY C 26 19.75 -18.25 6.74
C GLY C 26 19.66 -19.14 5.51
N LEU C 27 20.79 -19.39 4.85
CA LEU C 27 20.78 -19.97 3.52
C LEU C 27 22.04 -20.80 3.29
N ARG C 28 21.86 -22.06 2.87
CA ARG C 28 22.99 -22.86 2.44
C ARG C 28 23.54 -22.27 1.14
N PHE C 29 24.24 -21.14 1.25
CA PHE C 29 24.70 -20.40 0.09
C PHE C 29 25.59 -21.24 -0.82
N GLU C 30 26.30 -22.22 -0.25
CA GLU C 30 27.25 -23.02 -0.99
C GLU C 30 26.60 -24.04 -1.93
N GLU C 31 25.29 -24.29 -1.80
CA GLU C 31 24.67 -25.39 -2.50
C GLU C 31 23.80 -24.96 -3.69
N HIS C 32 23.91 -23.72 -4.13
CA HIS C 32 23.11 -23.30 -5.27
C HIS C 32 23.88 -22.42 -6.24
N ALA C 33 23.53 -22.49 -7.51
CA ALA C 33 23.99 -21.44 -8.41
C ALA C 33 23.31 -20.14 -8.05
N MET C 34 23.94 -19.02 -8.42
CA MET C 34 23.40 -17.71 -8.14
C MET C 34 23.38 -16.89 -9.43
N HIS C 35 22.43 -15.96 -9.51
CA HIS C 35 22.23 -15.23 -10.76
C HIS C 35 22.01 -13.75 -10.47
N TRP C 36 22.35 -12.94 -11.47
CA TRP C 36 22.05 -11.51 -11.47
C TRP C 36 20.99 -11.25 -12.53
N VAL C 37 19.90 -10.59 -12.13
CA VAL C 37 18.83 -10.22 -13.03
C VAL C 37 18.56 -8.73 -12.83
N ARG C 38 18.35 -8.00 -13.92
CA ARG C 38 18.13 -6.57 -13.83
C ARG C 38 16.83 -6.20 -14.50
N GLN C 39 16.37 -4.99 -14.20
CA GLN C 39 15.07 -4.51 -14.69
C GLN C 39 15.14 -3.00 -14.86
N ALA C 40 15.15 -2.54 -16.11
CA ALA C 40 15.11 -1.13 -16.41
C ALA C 40 13.74 -0.56 -16.03
N PRO C 41 13.67 0.75 -15.77
CA PRO C 41 12.37 1.36 -15.39
C PRO C 41 11.31 1.10 -16.46
N GLY C 42 10.19 0.54 -16.03
CA GLY C 42 9.10 0.28 -16.95
C GLY C 42 9.41 -0.78 -18.00
N ARG C 43 10.44 -1.59 -17.78
CA ARG C 43 10.86 -2.61 -18.73
C ARG C 43 10.75 -3.98 -18.07
N GLY C 44 11.04 -5.01 -18.86
CA GLY C 44 10.92 -6.38 -18.41
C GLY C 44 12.15 -6.86 -17.68
N LEU C 45 12.11 -8.13 -17.29
CA LEU C 45 13.25 -8.73 -16.60
C LEU C 45 14.30 -9.11 -17.64
N GLU C 46 15.56 -8.86 -17.30
CA GLU C 46 16.65 -9.27 -18.17
C GLU C 46 17.67 -10.01 -17.33
N TRP C 47 17.91 -11.26 -17.70
CA TRP C 47 18.89 -12.08 -17.02
C TRP C 47 20.29 -11.61 -17.40
N VAL C 48 21.09 -11.24 -16.40
CA VAL C 48 22.42 -10.68 -16.65
C VAL C 48 23.51 -11.74 -16.68
N SER C 49 23.60 -12.54 -15.61
CA SER C 49 24.72 -13.45 -15.46
C SER C 49 24.35 -14.54 -14.47
N GLY C 50 25.05 -15.67 -14.57
CA GLY C 50 24.86 -16.77 -13.65
C GLY C 50 26.15 -17.52 -13.37
N ILE C 51 26.32 -17.96 -12.13
CA ILE C 51 27.55 -18.63 -11.70
C ILE C 51 27.16 -19.88 -10.93
N SER C 52 27.80 -20.99 -11.24
CA SER C 52 27.48 -22.25 -10.58
C SER C 52 27.91 -22.22 -9.12
N TRP C 53 27.50 -23.25 -8.38
CA TRP C 53 27.77 -23.30 -6.94
C TRP C 53 29.25 -23.29 -6.64
N ASN C 54 30.07 -23.91 -7.48
CA ASN C 54 31.52 -23.96 -7.28
C ASN C 54 32.26 -23.04 -8.25
N SER C 55 31.56 -22.06 -8.83
CA SER C 55 32.13 -21.14 -9.82
C SER C 55 32.78 -21.88 -11.00
N GLY C 56 32.39 -23.12 -11.25
CA GLY C 56 32.91 -23.86 -12.38
C GLY C 56 32.32 -23.47 -13.72
N SER C 57 31.21 -22.75 -13.70
CA SER C 57 30.50 -22.34 -14.92
C SER C 57 29.97 -20.94 -14.71
N VAL C 58 30.30 -20.05 -15.64
CA VAL C 58 29.89 -18.64 -15.58
C VAL C 58 29.37 -18.25 -16.95
N GLY C 59 28.23 -17.56 -16.97
CA GLY C 59 27.65 -17.08 -18.22
C GLY C 59 27.24 -15.63 -18.10
N TYR C 60 27.06 -15.00 -19.26
CA TYR C 60 26.64 -13.62 -19.33
C TYR C 60 25.71 -13.41 -20.52
N ALA C 61 24.79 -12.46 -20.37
CA ALA C 61 24.05 -11.99 -21.52
C ALA C 61 24.99 -11.27 -22.49
N ASP C 62 24.62 -11.29 -23.76
CA ASP C 62 25.44 -10.64 -24.78
C ASP C 62 25.57 -9.14 -24.56
N SER C 63 24.63 -8.52 -23.85
CA SER C 63 24.70 -7.08 -23.63
C SER C 63 25.93 -6.72 -22.82
N VAL C 64 26.40 -7.65 -21.98
CA VAL C 64 27.37 -7.35 -20.95
C VAL C 64 28.65 -8.16 -21.09
N LYS C 65 28.75 -9.00 -22.10
CA LYS C 65 29.91 -9.89 -22.23
C LYS C 65 31.16 -9.07 -22.49
N GLY C 66 32.26 -9.46 -21.85
CA GLY C 66 33.49 -8.71 -21.94
C GLY C 66 33.53 -7.43 -21.13
N ARG C 67 32.42 -7.11 -20.45
CA ARG C 67 32.34 -5.89 -19.64
C ARG C 67 32.09 -6.14 -18.15
N PHE C 68 31.39 -7.22 -17.81
CA PHE C 68 31.13 -7.58 -16.44
C PHE C 68 31.77 -8.92 -16.09
N THR C 69 32.01 -9.11 -14.79
CA THR C 69 32.62 -10.33 -14.28
C THR C 69 31.87 -10.74 -13.02
N THR C 70 31.38 -11.97 -13.02
CA THR C 70 30.63 -12.53 -11.90
C THR C 70 31.58 -13.38 -11.07
N SER C 71 31.55 -13.19 -9.76
CA SER C 71 32.34 -14.02 -8.86
C SER C 71 31.58 -14.20 -7.55
N ARG C 72 32.11 -15.08 -6.70
CA ARG C 72 31.42 -15.44 -5.47
C ARG C 72 32.42 -16.12 -4.54
N ASP C 73 32.10 -16.12 -3.25
CA ASP C 73 32.88 -16.81 -2.23
C ASP C 73 31.90 -17.35 -1.21
N ASN C 74 31.78 -18.66 -1.16
CA ASN C 74 30.83 -19.31 -0.29
C ASN C 74 31.10 -19.06 1.19
N ALA C 75 32.37 -18.96 1.55
CA ALA C 75 32.75 -18.82 2.96
C ALA C 75 32.11 -17.60 3.58
N LYS C 76 31.99 -16.51 2.81
CA LYS C 76 31.33 -15.29 3.27
C LYS C 76 29.90 -15.18 2.79
N ASP C 77 29.40 -16.19 2.05
CA ASP C 77 28.03 -16.18 1.53
C ASP C 77 27.74 -14.92 0.72
N ILE C 78 28.70 -14.53 -0.12
CA ILE C 78 28.61 -13.28 -0.85
C ILE C 78 28.81 -13.51 -2.34
N LEU C 79 27.96 -12.90 -3.16
CA LEU C 79 28.05 -12.94 -4.62
C LEU C 79 28.38 -11.54 -5.13
N PHE C 80 29.26 -11.47 -6.13
CA PHE C 80 29.72 -10.20 -6.67
C PHE C 80 29.36 -10.07 -8.14
N LEU C 81 29.03 -8.85 -8.55
CA LEU C 81 28.87 -8.49 -9.95
C LEU C 81 29.72 -7.26 -10.21
N GLU C 82 30.88 -7.47 -10.83
CA GLU C 82 31.81 -6.39 -11.16
C GLU C 82 31.45 -5.78 -12.51
N MET C 83 31.19 -4.46 -12.53
CA MET C 83 30.75 -3.74 -13.71
C MET C 83 31.82 -2.77 -14.15
N ASN C 84 32.22 -2.89 -15.42
CA ASN C 84 33.20 -2.03 -16.05
C ASN C 84 32.68 -1.51 -17.38
N THR C 85 33.17 -0.35 -17.78
CA THR C 85 32.72 0.29 -19.02
C THR C 85 31.20 0.40 -19.07
N LEU C 86 30.67 1.10 -18.08
CA LEU C 86 29.22 1.18 -17.92
C LEU C 86 28.61 2.06 -19.01
N ARG C 87 27.41 1.69 -19.45
CA ARG C 87 26.67 2.45 -20.43
C ARG C 87 25.36 2.92 -19.82
N SER C 88 24.73 3.89 -20.49
CA SER C 88 23.40 4.34 -20.06
C SER C 88 22.39 3.19 -20.08
N GLU C 89 22.60 2.20 -20.95
CA GLU C 89 21.68 1.08 -21.05
C GLU C 89 21.76 0.15 -19.84
N ASP C 90 22.73 0.33 -18.95
CA ASP C 90 22.81 -0.45 -17.73
C ASP C 90 22.06 0.17 -16.57
N THR C 91 21.39 1.30 -16.80
CA THR C 91 20.54 1.89 -15.76
C THR C 91 19.36 0.97 -15.50
N ALA C 92 19.33 0.34 -14.33
CA ALA C 92 18.29 -0.63 -14.00
C ALA C 92 18.38 -0.96 -12.52
N LEU C 93 17.35 -1.65 -12.04
CA LEU C 93 17.38 -2.27 -10.72
C LEU C 93 17.92 -3.69 -10.85
N TYR C 94 18.93 -4.01 -10.06
CA TYR C 94 19.69 -5.24 -10.22
C TYR C 94 19.31 -6.22 -9.11
N PHE C 95 18.70 -7.34 -9.49
CA PHE C 95 18.30 -8.37 -8.56
C PHE C 95 19.39 -9.42 -8.41
N CYS C 96 19.53 -9.93 -7.19
CA CYS C 96 20.28 -11.16 -6.92
C CYS C 96 19.25 -12.25 -6.65
N ALA C 97 19.44 -13.42 -7.26
CA ALA C 97 18.39 -14.43 -7.22
C ALA C 97 18.97 -15.83 -7.24
N ILE C 98 18.24 -16.74 -6.58
CA ILE C 98 18.45 -18.18 -6.72
C ILE C 98 17.28 -18.74 -7.51
N MET C 99 17.58 -19.46 -8.60
CA MET C 99 16.55 -20.02 -9.47
C MET C 99 16.96 -21.46 -9.82
N VAL C 100 16.64 -22.37 -8.92
CA VAL C 100 16.89 -23.80 -9.10
C VAL C 100 15.55 -24.52 -9.19
N ALA C 101 15.45 -25.44 -10.16
CA ALA C 101 14.24 -26.24 -10.34
C ALA C 101 14.60 -27.46 -11.15
N THR C 102 14.16 -28.63 -10.70
CA THR C 102 14.47 -29.88 -11.39
C THR C 102 13.47 -30.95 -10.98
N THR C 103 13.23 -31.88 -11.92
CA THR C 103 12.41 -33.06 -11.66
C THR C 103 13.17 -34.33 -12.02
N LYS C 104 14.50 -34.30 -11.91
CA LYS C 104 15.34 -35.42 -12.27
C LYS C 104 15.00 -36.66 -11.43
N ASN C 105 14.88 -37.81 -12.08
CA ASN C 105 14.61 -39.05 -11.38
C ASN C 105 13.27 -38.94 -10.65
N ASP C 106 12.41 -38.10 -11.19
CA ASP C 106 11.08 -37.88 -10.65
C ASP C 106 11.10 -37.46 -9.18
N PHE C 107 12.09 -36.67 -8.81
CA PHE C 107 12.07 -36.03 -7.51
C PHE C 107 11.88 -34.55 -7.78
N HIS C 108 10.80 -33.99 -7.27
CA HIS C 108 10.48 -32.60 -7.58
C HIS C 108 11.17 -31.69 -6.58
N TYR C 109 12.05 -30.84 -7.10
CA TYR C 109 12.78 -29.90 -6.26
C TYR C 109 12.86 -28.51 -6.89
N TYR C 110 12.66 -27.48 -6.09
CA TYR C 110 12.85 -26.12 -6.58
C TYR C 110 13.32 -25.23 -5.44
N LYS C 111 14.15 -24.24 -5.78
CA LYS C 111 14.46 -23.16 -4.86
C LYS C 111 14.35 -21.85 -5.60
N ASP C 112 13.51 -20.94 -5.13
CA ASP C 112 13.45 -19.62 -5.74
C ASP C 112 13.48 -18.51 -4.68
N VAL C 113 14.55 -17.72 -4.69
CA VAL C 113 14.70 -16.64 -3.73
C VAL C 113 15.16 -15.40 -4.47
N TRP C 114 14.57 -14.26 -4.15
CA TRP C 114 14.89 -12.99 -4.80
C TRP C 114 15.17 -11.94 -3.74
N GLY C 115 16.24 -11.17 -3.96
CA GLY C 115 16.48 -9.99 -3.15
C GLY C 115 15.57 -8.84 -3.53
N LYS C 116 15.62 -7.79 -2.72
CA LYS C 116 14.85 -6.59 -3.04
C LYS C 116 15.50 -5.78 -4.16
N GLY C 117 16.80 -5.95 -4.37
CA GLY C 117 17.48 -5.33 -5.48
C GLY C 117 18.18 -4.04 -5.07
N THR C 118 19.20 -3.69 -5.86
CA THR C 118 19.90 -2.41 -5.73
C THR C 118 19.88 -1.70 -7.08
N THR C 119 19.77 -0.37 -7.04
CA THR C 119 19.63 0.43 -8.26
C THR C 119 20.96 1.02 -8.67
N VAL C 120 21.24 0.97 -9.97
CA VAL C 120 22.45 1.52 -10.58
C VAL C 120 22.02 2.50 -11.66
N THR C 121 22.55 3.72 -11.61
CA THR C 121 22.21 4.77 -12.56
C THR C 121 23.46 5.29 -13.23
N VAL C 122 23.53 5.16 -14.55
CA VAL C 122 24.63 5.66 -15.37
C VAL C 122 24.15 6.84 -16.20
N SER C 123 24.75 8.01 -15.98
CA SER C 123 24.44 9.24 -16.72
C SER C 123 25.60 10.21 -16.55
N SER C 124 25.76 11.17 -17.47
CA SER C 124 26.82 12.18 -17.33
C SER C 124 26.48 13.13 -16.21
N ALA C 125 25.18 13.38 -16.09
CA ALA C 125 24.69 14.35 -15.14
C ALA C 125 24.77 13.81 -13.73
N SER C 126 24.64 14.72 -12.79
CA SER C 126 24.61 14.40 -11.36
C SER C 126 23.66 15.38 -10.68
N THR C 127 23.50 15.19 -9.38
CA THR C 127 22.44 15.77 -8.56
C THR C 127 22.07 17.21 -8.92
N LYS C 128 20.76 17.43 -9.09
CA LYS C 128 20.18 18.74 -9.34
C LYS C 128 18.78 18.72 -8.73
N GLY C 129 18.42 19.79 -8.03
CA GLY C 129 17.14 19.88 -7.37
C GLY C 129 15.99 20.02 -8.35
N PRO C 130 14.80 19.58 -7.96
CA PRO C 130 13.65 19.62 -8.86
C PRO C 130 13.04 21.02 -8.92
N SER C 131 12.26 21.23 -9.98
CA SER C 131 11.58 22.49 -10.22
C SER C 131 10.06 22.27 -10.25
N VAL C 132 9.37 22.73 -9.21
CA VAL C 132 7.94 22.53 -9.05
C VAL C 132 7.21 23.70 -9.72
N PHE C 133 6.45 23.44 -10.80
CA PHE C 133 5.65 24.52 -11.40
C PHE C 133 4.19 24.14 -11.52
N PRO C 134 3.27 25.08 -11.24
CA PRO C 134 1.84 24.78 -11.38
C PRO C 134 1.37 24.64 -12.82
N LEU C 135 0.50 23.66 -13.04
CA LEU C 135 -0.34 23.55 -14.23
C LEU C 135 -1.69 24.19 -13.88
N ALA C 136 -1.82 25.50 -14.12
CA ALA C 136 -2.96 26.23 -13.65
C ALA C 136 -4.19 25.90 -14.49
N PRO C 137 -5.38 25.77 -13.87
CA PRO C 137 -6.62 25.55 -14.62
C PRO C 137 -7.05 26.78 -15.41
N GLY C 144 -15.89 21.95 -18.62
CA GLY C 144 -17.29 21.58 -18.61
C GLY C 144 -17.74 20.97 -17.29
N GLY C 145 -17.65 21.76 -16.22
CA GLY C 145 -18.08 21.36 -14.89
C GLY C 145 -16.99 20.81 -14.01
N THR C 146 -15.89 20.35 -14.58
CA THR C 146 -14.76 19.80 -13.83
C THR C 146 -13.48 20.48 -14.28
N ALA C 147 -12.64 20.87 -13.32
CA ALA C 147 -11.38 21.52 -13.62
C ALA C 147 -10.22 20.65 -13.18
N ALA C 148 -9.09 20.78 -13.89
CA ALA C 148 -7.88 20.04 -13.61
C ALA C 148 -6.74 20.99 -13.28
N LEU C 149 -5.95 20.63 -12.26
CA LEU C 149 -4.76 21.38 -11.91
C LEU C 149 -3.67 20.40 -11.49
N GLY C 150 -2.43 20.88 -11.50
CA GLY C 150 -1.33 20.01 -11.13
C GLY C 150 -0.04 20.77 -10.94
N CYS C 151 1.05 20.01 -10.83
CA CYS C 151 2.39 20.54 -10.65
C CYS C 151 3.34 19.79 -11.56
N LEU C 152 4.17 20.52 -12.30
CA LEU C 152 5.16 19.93 -13.19
C LEU C 152 6.53 19.96 -12.51
N VAL C 153 7.12 18.79 -12.29
CA VAL C 153 8.36 18.64 -11.55
C VAL C 153 9.48 18.45 -12.57
N LYS C 154 10.19 19.53 -12.91
CA LYS C 154 11.12 19.54 -14.03
C LYS C 154 12.57 19.53 -13.58
N ASP C 155 13.42 18.95 -14.44
CA ASP C 155 14.87 18.84 -14.29
C ASP C 155 15.34 18.52 -12.88
N TYR C 156 15.18 17.25 -12.48
CA TYR C 156 15.75 16.76 -11.24
C TYR C 156 16.58 15.52 -11.53
N PHE C 157 17.59 15.31 -10.70
CA PHE C 157 18.41 14.10 -10.76
C PHE C 157 18.95 13.89 -9.35
N PRO C 158 19.01 12.63 -8.89
CA PRO C 158 18.58 11.44 -9.64
C PRO C 158 17.09 11.09 -9.53
N GLU C 159 16.77 9.82 -9.72
CA GLU C 159 15.41 9.39 -10.01
C GLU C 159 14.43 9.39 -8.83
N PRO C 160 14.88 9.28 -7.59
CA PRO C 160 13.90 9.16 -6.50
C PRO C 160 13.19 10.48 -6.18
N VAL C 161 11.87 10.48 -6.30
CA VAL C 161 11.05 11.64 -5.94
C VAL C 161 9.71 11.19 -5.38
N THR C 162 9.18 11.94 -4.41
CA THR C 162 7.86 11.66 -3.88
C THR C 162 6.99 12.91 -4.00
N VAL C 163 5.74 12.73 -4.39
CA VAL C 163 4.79 13.83 -4.50
C VAL C 163 3.51 13.56 -3.70
N SER C 164 3.08 14.57 -2.94
CA SER C 164 1.84 14.48 -2.19
C SER C 164 1.09 15.81 -2.27
N TRP C 165 -0.22 15.77 -2.07
CA TRP C 165 -1.02 16.99 -2.06
C TRP C 165 -1.65 17.25 -0.69
N ASN C 166 -1.44 18.46 -0.18
CA ASN C 166 -2.02 18.85 1.10
C ASN C 166 -1.53 17.94 2.22
N SER C 167 -0.24 17.59 2.16
CA SER C 167 0.35 16.62 3.08
C SER C 167 -0.60 15.48 3.38
N GLY C 168 -1.02 14.78 2.32
CA GLY C 168 -1.78 13.56 2.43
C GLY C 168 -3.28 13.72 2.60
N ALA C 169 -3.78 14.92 2.88
CA ALA C 169 -5.22 15.09 3.07
C ALA C 169 -6.00 14.97 1.78
N LEU C 170 -5.36 15.21 0.63
CA LEU C 170 -6.02 15.11 -0.67
C LEU C 170 -5.33 14.00 -1.46
N THR C 171 -6.01 12.86 -1.60
CA THR C 171 -5.50 11.72 -2.35
C THR C 171 -6.42 11.30 -3.49
N SER C 172 -7.69 11.65 -3.44
CA SER C 172 -8.66 11.23 -4.44
C SER C 172 -8.53 12.10 -5.69
N GLY C 173 -8.50 11.45 -6.86
CA GLY C 173 -8.32 12.15 -8.11
C GLY C 173 -6.88 12.48 -8.46
N VAL C 174 -5.93 12.05 -7.62
CA VAL C 174 -4.51 12.35 -7.83
C VAL C 174 -3.91 11.35 -8.82
N HIS C 175 -3.12 11.86 -9.75
CA HIS C 175 -2.24 11.02 -10.58
C HIS C 175 -0.85 11.61 -10.56
N THR C 176 0.10 10.88 -10.01
CA THR C 176 1.52 11.20 -10.11
C THR C 176 2.15 10.27 -11.13
N PHE C 177 2.71 10.83 -12.16
CA PHE C 177 3.14 9.95 -13.23
C PHE C 177 4.58 9.50 -13.03
N PRO C 178 4.91 8.33 -13.58
CA PRO C 178 6.30 7.87 -13.58
C PRO C 178 7.20 8.94 -14.18
N ALA C 179 8.42 9.02 -13.65
CA ALA C 179 9.39 9.96 -14.19
C ALA C 179 9.66 9.67 -15.65
N VAL C 180 10.00 10.72 -16.38
CA VAL C 180 10.34 10.60 -17.79
C VAL C 180 11.65 11.32 -18.05
N LEU C 181 12.56 10.65 -18.78
CA LEU C 181 13.92 11.14 -19.02
C LEU C 181 14.00 11.83 -20.37
N GLN C 182 14.40 13.10 -20.32
CA GLN C 182 14.58 13.96 -21.48
C GLN C 182 15.92 13.75 -22.19
N SER C 183 16.05 14.35 -23.36
CA SER C 183 17.31 14.34 -24.11
C SER C 183 18.36 15.05 -23.27
N SER C 184 17.89 15.91 -22.38
CA SER C 184 18.73 16.62 -21.43
C SER C 184 19.48 15.64 -20.53
N GLY C 185 18.84 14.53 -20.18
CA GLY C 185 19.41 13.62 -19.21
C GLY C 185 18.90 13.87 -17.81
N LEU C 186 17.89 14.72 -17.71
CA LEU C 186 17.26 15.02 -16.44
C LEU C 186 15.82 14.51 -16.46
N TYR C 187 15.29 14.17 -15.29
CA TYR C 187 13.94 13.63 -15.19
C TYR C 187 12.95 14.75 -14.94
N SER C 188 11.73 14.57 -15.45
CA SER C 188 10.64 15.47 -15.16
C SER C 188 9.34 14.67 -15.14
N LEU C 189 8.40 15.11 -14.30
CA LEU C 189 7.12 14.43 -14.19
C LEU C 189 6.02 15.46 -13.94
N SER C 190 4.79 14.98 -13.93
CA SER C 190 3.63 15.77 -13.56
C SER C 190 2.82 15.01 -12.53
N SER C 191 2.20 15.76 -11.63
CA SER C 191 1.18 15.24 -10.72
C SER C 191 -0.08 16.05 -10.93
N VAL C 192 -1.17 15.39 -11.30
CA VAL C 192 -2.41 16.08 -11.64
C VAL C 192 -3.53 15.61 -10.73
N VAL C 193 -4.48 16.52 -10.46
CA VAL C 193 -5.67 16.23 -9.66
C VAL C 193 -6.88 16.84 -10.35
N THR C 194 -7.94 16.06 -10.47
CA THR C 194 -9.23 16.54 -10.98
C THR C 194 -10.06 17.07 -9.82
N VAL C 195 -10.40 18.36 -9.85
CA VAL C 195 -11.14 18.94 -8.74
C VAL C 195 -12.46 19.55 -9.23
N PRO C 196 -13.49 19.60 -8.39
CA PRO C 196 -14.74 20.28 -8.76
C PRO C 196 -14.51 21.74 -9.08
N SER C 197 -15.18 22.21 -10.14
CA SER C 197 -15.07 23.62 -10.55
C SER C 197 -15.82 24.58 -9.62
N SER C 198 -16.63 24.08 -8.69
CA SER C 198 -17.13 24.98 -7.67
C SER C 198 -16.10 25.25 -6.58
N SER C 199 -15.19 24.30 -6.38
CA SER C 199 -14.27 24.34 -5.25
C SER C 199 -13.10 25.29 -5.47
N LEU C 200 -13.04 25.91 -6.63
CA LEU C 200 -11.94 26.81 -6.94
C LEU C 200 -11.92 28.00 -6.00
N GLY C 201 -13.09 28.52 -5.67
CA GLY C 201 -13.20 29.63 -4.75
C GLY C 201 -12.37 29.42 -3.49
N THR C 204 -8.29 25.34 -1.55
CA THR C 204 -6.85 25.56 -1.66
C THR C 204 -6.14 24.24 -1.94
N TYR C 205 -5.13 24.28 -2.83
CA TYR C 205 -4.42 23.08 -3.26
C TYR C 205 -2.92 23.32 -3.17
N ILE C 206 -2.23 22.50 -2.38
CA ILE C 206 -0.79 22.59 -2.22
C ILE C 206 -0.21 21.25 -2.66
N CYS C 207 0.76 21.28 -3.57
CA CYS C 207 1.47 20.07 -3.96
C CYS C 207 2.81 20.01 -3.22
N ASN C 208 3.01 18.90 -2.53
CA ASN C 208 4.16 18.76 -1.68
C ASN C 208 5.15 17.84 -2.40
N VAL C 209 6.31 18.38 -2.73
CA VAL C 209 7.31 17.68 -3.52
C VAL C 209 8.58 17.53 -2.72
N ASN C 210 9.11 16.31 -2.70
CA ASN C 210 10.28 16.04 -1.87
C ASN C 210 11.28 15.23 -2.67
N HIS C 211 12.53 15.67 -2.72
CA HIS C 211 13.58 14.97 -3.41
C HIS C 211 14.67 14.71 -2.38
N LYS C 212 14.64 13.52 -1.81
CA LYS C 212 15.58 13.16 -0.76
C LYS C 212 17.05 13.22 -1.18
N PRO C 213 17.44 12.77 -2.38
CA PRO C 213 18.86 12.89 -2.75
C PRO C 213 19.40 14.31 -2.67
N SER C 214 18.60 15.28 -3.11
CA SER C 214 19.01 16.68 -3.13
C SER C 214 18.51 17.51 -1.95
N ASN C 215 17.85 16.87 -0.98
CA ASN C 215 17.32 17.57 0.18
C ASN C 215 16.34 18.70 -0.14
N THR C 216 15.42 18.43 -1.06
CA THR C 216 14.42 19.43 -1.44
C THR C 216 13.06 19.20 -0.78
N LYS C 217 12.54 20.23 -0.14
CA LYS C 217 11.23 20.22 0.49
C LYS C 217 10.43 21.43 0.01
N VAL C 218 9.47 21.19 -0.87
CA VAL C 218 8.67 22.25 -1.48
C VAL C 218 7.20 22.00 -1.20
N ASP C 219 6.49 23.05 -0.77
CA ASP C 219 5.02 23.05 -0.67
C ASP C 219 4.53 24.27 -1.44
N LYS C 220 3.86 24.04 -2.57
CA LYS C 220 3.54 25.14 -3.47
C LYS C 220 2.07 25.17 -3.86
N LYS C 221 1.46 26.35 -3.73
CA LYS C 221 0.08 26.58 -4.14
C LYS C 221 -0.03 26.85 -5.64
N VAL C 222 -1.13 26.38 -6.22
CA VAL C 222 -1.45 26.59 -7.64
C VAL C 222 -2.57 27.62 -7.73
N GLU C 223 -2.38 28.62 -8.58
CA GLU C 223 -3.26 29.78 -8.69
C GLU C 223 -4.12 29.73 -9.95
N PRO C 224 -5.22 30.48 -9.98
CA PRO C 224 -6.02 30.57 -11.21
C PRO C 224 -5.22 31.09 -12.40
N GLN D 1 21.68 -17.91 -26.44
CA GLN D 1 20.53 -18.12 -25.57
C GLN D 1 19.24 -18.13 -26.37
N ILE D 2 18.23 -18.84 -25.86
CA ILE D 2 16.96 -19.00 -26.56
C ILE D 2 16.07 -17.80 -26.26
N VAL D 3 15.49 -17.22 -27.30
CA VAL D 3 14.59 -16.08 -27.15
C VAL D 3 13.16 -16.58 -27.03
N LEU D 4 12.41 -15.99 -26.10
CA LEU D 4 11.03 -16.38 -25.82
C LEU D 4 10.10 -15.22 -26.16
N THR D 5 9.09 -15.50 -26.99
CA THR D 5 8.11 -14.50 -27.37
C THR D 5 6.78 -14.85 -26.71
N GLN D 6 6.18 -13.86 -26.07
CA GLN D 6 4.95 -14.06 -25.33
C GLN D 6 3.80 -13.32 -26.00
N SER D 7 2.68 -14.00 -26.16
CA SER D 7 1.50 -13.40 -26.77
C SER D 7 0.23 -13.77 -26.00
N PRO D 8 -0.71 -12.84 -25.89
CA PRO D 8 -0.60 -11.41 -26.23
C PRO D 8 0.38 -10.65 -25.33
N ALA D 9 0.85 -9.50 -25.78
CA ALA D 9 1.62 -8.64 -24.89
C ALA D 9 0.78 -8.14 -23.73
N THR D 10 -0.46 -7.73 -24.01
CA THR D 10 -1.43 -7.41 -22.97
C THR D 10 -2.74 -8.12 -23.29
N LEU D 11 -3.33 -8.75 -22.27
CA LEU D 11 -4.59 -9.47 -22.39
C LEU D 11 -5.59 -8.89 -21.40
N SER D 12 -6.77 -8.50 -21.89
CA SER D 12 -7.76 -7.81 -21.08
C SER D 12 -8.94 -8.73 -20.79
N LEU D 13 -9.17 -8.99 -19.50
CA LEU D 13 -10.22 -9.88 -19.03
C LEU D 13 -10.78 -9.36 -17.73
N SER D 14 -11.86 -9.99 -17.27
CA SER D 14 -12.50 -9.65 -16.01
C SER D 14 -12.36 -10.79 -15.01
N PRO D 15 -12.48 -10.51 -13.71
CA PRO D 15 -12.41 -11.59 -12.72
C PRO D 15 -13.51 -12.61 -12.93
N GLY D 16 -13.23 -13.85 -12.54
CA GLY D 16 -14.14 -14.95 -12.79
C GLY D 16 -13.96 -15.52 -14.18
N GLU D 17 -13.52 -14.67 -15.11
CA GLU D 17 -13.20 -15.12 -16.45
C GLU D 17 -11.89 -15.91 -16.42
N ARG D 18 -11.45 -16.29 -17.61
CA ARG D 18 -10.39 -17.30 -17.76
C ARG D 18 -9.27 -16.82 -18.70
N ALA D 19 -8.04 -17.11 -18.33
CA ALA D 19 -6.90 -16.57 -19.06
C ALA D 19 -5.96 -17.63 -19.62
N THR D 20 -5.57 -17.46 -20.88
CA THR D 20 -4.55 -18.28 -21.49
C THR D 20 -3.39 -17.39 -21.95
N LEU D 21 -2.19 -17.71 -21.50
CA LEU D 21 -0.99 -16.98 -21.90
C LEU D 21 -0.03 -17.95 -22.59
N SER D 22 0.44 -17.57 -23.76
CA SER D 22 1.32 -18.40 -24.56
C SER D 22 2.76 -17.90 -24.45
N CYS D 23 3.70 -18.82 -24.64
CA CYS D 23 5.12 -18.48 -24.68
C CYS D 23 5.78 -19.42 -25.66
N ARG D 24 6.37 -18.85 -26.71
CA ARG D 24 6.96 -19.61 -27.79
C ARG D 24 8.47 -19.40 -27.78
N ALA D 25 9.22 -20.49 -27.95
CA ALA D 25 10.67 -20.45 -27.93
C ALA D 25 11.20 -20.60 -29.35
N SER D 26 12.30 -19.90 -29.65
CA SER D 26 12.90 -19.99 -30.97
C SER D 26 13.60 -21.33 -31.16
N GLN D 27 14.18 -21.87 -30.10
CA GLN D 27 14.70 -23.23 -30.09
C GLN D 27 14.02 -24.01 -28.97
N SER D 28 14.09 -25.33 -29.06
CA SER D 28 13.40 -26.17 -28.09
C SER D 28 14.09 -26.04 -26.74
N VAL D 29 13.30 -25.79 -25.70
CA VAL D 29 13.82 -25.68 -24.34
C VAL D 29 13.59 -26.97 -23.56
N SER D 30 13.42 -28.08 -24.26
CA SER D 30 13.09 -29.29 -23.57
C SER D 30 11.85 -28.86 -22.82
N ASN D 31 11.84 -29.13 -21.52
CA ASN D 31 10.77 -28.70 -20.66
C ASN D 31 11.21 -27.75 -19.53
N HIS D 32 12.40 -27.15 -19.69
CA HIS D 32 12.94 -26.27 -18.68
C HIS D 32 12.37 -24.87 -18.85
N LEU D 33 11.07 -24.75 -18.61
CA LEU D 33 10.39 -23.48 -18.69
C LEU D 33 9.61 -23.19 -17.41
N ALA D 34 9.79 -21.99 -16.89
CA ALA D 34 9.14 -21.58 -15.67
C ALA D 34 8.29 -20.33 -15.93
N TRP D 35 7.36 -20.07 -15.02
CA TRP D 35 6.50 -18.90 -15.08
C TRP D 35 6.64 -18.10 -13.80
N TYR D 36 6.82 -16.79 -13.95
CA TYR D 36 6.95 -15.87 -12.83
C TYR D 36 5.85 -14.82 -12.88
N GLN D 37 5.39 -14.41 -11.70
CA GLN D 37 4.45 -13.32 -11.55
C GLN D 37 5.14 -12.17 -10.83
N GLN D 38 4.93 -10.96 -11.35
CA GLN D 38 5.43 -9.76 -10.71
C GLN D 38 4.37 -8.65 -10.71
N LYS D 39 4.33 -7.91 -9.61
CA LYS D 39 3.49 -6.75 -9.47
C LYS D 39 4.37 -5.53 -9.17
N PRO D 40 3.88 -4.34 -9.46
CA PRO D 40 4.67 -3.11 -9.24
C PRO D 40 5.30 -3.07 -7.85
N GLY D 41 6.59 -2.78 -7.82
CA GLY D 41 7.32 -2.58 -6.59
C GLY D 41 7.69 -3.84 -5.84
N GLN D 42 7.55 -5.01 -6.45
CA GLN D 42 7.87 -6.28 -5.81
C GLN D 42 8.78 -7.11 -6.69
N ALA D 43 9.61 -7.93 -6.05
CA ALA D 43 10.39 -8.91 -6.77
C ALA D 43 9.47 -9.94 -7.42
N PRO D 44 9.88 -10.54 -8.53
CA PRO D 44 9.04 -11.56 -9.17
C PRO D 44 8.90 -12.77 -8.27
N ARG D 45 7.93 -13.62 -8.61
CA ARG D 45 7.65 -14.80 -7.80
C ARG D 45 7.35 -16.00 -8.69
N LEU D 46 7.96 -17.14 -8.36
CA LEU D 46 7.77 -18.36 -9.12
C LEU D 46 6.35 -18.89 -8.97
N LEU D 47 5.70 -19.18 -10.10
CA LEU D 47 4.44 -19.91 -10.11
C LEU D 47 4.61 -21.35 -10.55
N ILE D 48 5.22 -21.57 -11.71
CA ILE D 48 5.34 -22.90 -12.32
C ILE D 48 6.82 -23.14 -12.62
N TYR D 49 7.30 -24.35 -12.32
CA TYR D 49 8.65 -24.75 -12.68
C TYR D 49 8.62 -26.05 -13.46
N GLU D 50 9.60 -26.22 -14.35
CA GLU D 50 9.64 -27.33 -15.31
C GLU D 50 8.26 -27.57 -15.94
N THR D 51 7.82 -26.53 -16.66
CA THR D 51 6.64 -26.56 -17.52
C THR D 51 5.32 -26.70 -16.77
N SER D 52 5.20 -27.66 -15.85
CA SER D 52 3.89 -28.00 -15.31
C SER D 52 3.79 -28.09 -13.79
N ASN D 53 4.84 -27.80 -13.03
CA ASN D 53 4.80 -27.99 -11.59
C ASN D 53 4.61 -26.66 -10.87
N ARG D 54 3.59 -26.60 -10.02
CA ARG D 54 3.32 -25.39 -9.26
C ARG D 54 4.23 -25.35 -8.04
N ALA D 55 4.76 -24.16 -7.75
CA ALA D 55 5.46 -23.96 -6.50
C ALA D 55 4.49 -24.09 -5.33
N THR D 56 5.05 -24.25 -4.13
CA THR D 56 4.22 -24.40 -2.94
C THR D 56 3.47 -23.10 -2.67
N GLY D 57 2.18 -23.22 -2.36
CA GLY D 57 1.34 -22.08 -2.08
C GLY D 57 0.67 -21.46 -3.30
N ILE D 58 1.01 -21.91 -4.50
CA ILE D 58 0.38 -21.38 -5.71
C ILE D 58 -1.01 -21.98 -5.85
N PRO D 59 -2.05 -21.15 -5.97
CA PRO D 59 -3.41 -21.70 -6.02
C PRO D 59 -3.55 -22.69 -7.15
N PRO D 60 -4.39 -23.72 -6.95
CA PRO D 60 -4.62 -24.70 -8.03
C PRO D 60 -5.14 -24.11 -9.33
N ARG D 61 -5.70 -22.90 -9.33
CA ARG D 61 -6.24 -22.35 -10.56
C ARG D 61 -5.14 -22.07 -11.60
N PHE D 62 -3.88 -22.04 -11.18
CA PHE D 62 -2.77 -21.95 -12.11
C PHE D 62 -2.37 -23.35 -12.55
N SER D 63 -2.06 -23.49 -13.83
CA SER D 63 -1.63 -24.76 -14.38
C SER D 63 -0.62 -24.49 -15.47
N GLY D 64 0.36 -25.39 -15.60
CA GLY D 64 1.40 -25.28 -16.61
C GLY D 64 1.21 -26.36 -17.66
N SER D 65 1.71 -26.08 -18.86
CA SER D 65 1.40 -26.92 -20.01
C SER D 65 2.25 -26.48 -21.18
N GLY D 66 2.42 -27.40 -22.14
CA GLY D 66 3.22 -27.15 -23.31
C GLY D 66 4.22 -28.27 -23.57
N SER D 67 4.86 -28.18 -24.73
CA SER D 67 5.82 -29.17 -25.17
C SER D 67 6.68 -28.58 -26.27
N GLY D 68 7.99 -28.83 -26.19
CA GLY D 68 8.93 -28.42 -27.22
C GLY D 68 9.11 -26.92 -27.35
N THR D 69 8.33 -26.30 -28.23
CA THR D 69 8.41 -24.87 -28.49
C THR D 69 7.24 -24.09 -27.91
N ASP D 70 6.06 -24.70 -27.83
CA ASP D 70 4.84 -24.04 -27.40
C ASP D 70 4.56 -24.36 -25.93
N PHE D 71 4.29 -23.32 -25.15
CA PHE D 71 3.86 -23.47 -23.77
C PHE D 71 2.75 -22.49 -23.48
N THR D 72 1.92 -22.83 -22.50
CA THR D 72 0.78 -22.02 -22.12
C THR D 72 0.68 -21.97 -20.60
N LEU D 73 0.31 -20.80 -20.08
CA LEU D 73 -0.01 -20.61 -18.69
C LEU D 73 -1.51 -20.33 -18.59
N THR D 74 -2.22 -21.19 -17.85
CA THR D 74 -3.67 -21.12 -17.77
C THR D 74 -4.09 -20.73 -16.36
N ILE D 75 -4.95 -19.73 -16.26
CA ILE D 75 -5.60 -19.35 -15.01
C ILE D 75 -7.08 -19.65 -15.18
N SER D 76 -7.54 -20.71 -14.52
CA SER D 76 -8.86 -21.27 -14.80
C SER D 76 -9.99 -20.33 -14.42
N SER D 77 -9.82 -19.53 -13.38
CA SER D 77 -10.81 -18.52 -13.02
C SER D 77 -10.07 -17.35 -12.39
N LEU D 78 -10.05 -16.22 -13.10
CA LEU D 78 -9.14 -15.14 -12.73
C LEU D 78 -9.63 -14.45 -11.46
N GLU D 79 -8.73 -14.27 -10.56
CA GLU D 79 -8.95 -13.51 -9.36
C GLU D 79 -8.42 -12.09 -9.52
N PRO D 80 -8.91 -11.13 -8.75
CA PRO D 80 -8.28 -9.80 -8.79
C PRO D 80 -6.79 -9.82 -8.47
N GLU D 81 -6.34 -10.75 -7.62
CA GLU D 81 -4.92 -10.90 -7.34
C GLU D 81 -4.10 -11.10 -8.62
N ASP D 82 -4.67 -11.83 -9.58
CA ASP D 82 -3.90 -12.38 -10.71
C ASP D 82 -3.58 -11.35 -11.77
N PHE D 83 -4.01 -10.10 -11.60
CA PHE D 83 -3.68 -9.06 -12.58
C PHE D 83 -2.34 -8.45 -12.22
N ALA D 84 -1.36 -8.76 -13.07
CA ALA D 84 0.05 -8.46 -12.86
C ALA D 84 0.76 -8.77 -14.18
N VAL D 85 2.07 -8.79 -14.15
CA VAL D 85 2.90 -9.13 -15.31
C VAL D 85 3.38 -10.56 -15.17
N TYR D 86 3.37 -11.31 -16.27
CA TYR D 86 3.79 -12.70 -16.29
C TYR D 86 4.97 -12.89 -17.24
N TYR D 87 5.99 -13.59 -16.76
CA TYR D 87 7.17 -13.90 -17.55
C TYR D 87 7.35 -15.41 -17.62
N CYS D 88 7.45 -15.93 -18.84
CA CYS D 88 8.01 -17.27 -18.99
C CYS D 88 9.53 -17.16 -18.93
N GLN D 89 10.15 -18.26 -18.54
CA GLN D 89 11.60 -18.31 -18.42
C GLN D 89 12.15 -19.67 -18.85
N GLN D 90 13.22 -19.64 -19.60
CA GLN D 90 13.90 -20.86 -20.03
C GLN D 90 15.22 -21.04 -19.30
N ARG D 91 15.58 -22.31 -19.05
CA ARG D 91 16.89 -22.64 -18.49
C ARG D 91 17.51 -23.82 -19.22
N ASN D 92 17.08 -24.07 -20.46
CA ASN D 92 17.76 -25.04 -21.31
C ASN D 92 19.15 -24.63 -21.81
N ASN D 93 19.27 -23.38 -22.20
CA ASN D 93 20.52 -22.80 -22.72
C ASN D 93 20.69 -21.45 -22.01
N TRP D 94 21.34 -21.50 -20.85
CA TRP D 94 21.44 -20.38 -19.94
C TRP D 94 20.05 -19.99 -19.43
N TYR D 95 19.86 -18.73 -19.10
CA TYR D 95 18.57 -18.28 -18.61
C TYR D 95 18.10 -17.09 -19.43
N THR D 96 16.81 -17.09 -19.77
CA THR D 96 16.22 -16.02 -20.57
C THR D 96 14.78 -15.83 -20.14
N PHE D 97 14.39 -14.57 -19.96
CA PHE D 97 13.00 -14.22 -19.71
C PHE D 97 12.34 -13.77 -21.00
N GLY D 98 11.04 -14.02 -21.11
CA GLY D 98 10.25 -13.43 -22.17
C GLY D 98 9.99 -11.96 -21.92
N GLN D 99 9.38 -11.31 -22.90
CA GLN D 99 9.11 -9.88 -22.76
C GLN D 99 8.00 -9.59 -21.76
N GLY D 100 7.21 -10.59 -21.40
CA GLY D 100 6.19 -10.38 -20.40
C GLY D 100 4.81 -10.19 -21.01
N THR D 101 3.80 -10.68 -20.29
CA THR D 101 2.41 -10.49 -20.65
C THR D 101 1.70 -9.78 -19.52
N LYS D 102 1.05 -8.67 -19.82
CA LYS D 102 0.34 -7.88 -18.83
C LYS D 102 -1.13 -8.22 -18.85
N LEU D 103 -1.68 -8.59 -17.69
CA LEU D 103 -3.08 -8.96 -17.56
C LEU D 103 -3.80 -7.78 -16.91
N GLU D 104 -4.66 -7.12 -17.68
CA GLU D 104 -5.38 -5.95 -17.21
C GLU D 104 -6.87 -6.26 -17.14
N ILE D 105 -7.55 -5.58 -16.22
CA ILE D 105 -8.99 -5.73 -16.07
C ILE D 105 -9.70 -5.08 -17.24
N LYS D 106 -10.60 -5.82 -17.88
CA LYS D 106 -11.35 -5.29 -19.00
C LYS D 106 -12.57 -4.51 -18.50
N ARG D 107 -12.86 -3.40 -19.16
CA ARG D 107 -14.05 -2.66 -18.85
C ARG D 107 -14.62 -2.04 -20.11
N THR D 108 -15.75 -1.36 -19.96
CA THR D 108 -16.39 -0.69 -21.09
C THR D 108 -15.56 0.52 -21.55
N VAL D 109 -15.54 0.73 -22.86
CA VAL D 109 -14.70 1.74 -23.48
C VAL D 109 -15.10 3.12 -22.96
N ALA D 110 -14.11 3.85 -22.43
CA ALA D 110 -14.34 5.15 -21.82
C ALA D 110 -13.44 6.19 -22.46
N ALA D 111 -14.05 7.30 -22.92
CA ALA D 111 -13.32 8.34 -23.62
C ALA D 111 -12.52 9.21 -22.63
N PRO D 112 -11.30 9.62 -23.00
CA PRO D 112 -10.52 10.49 -22.12
C PRO D 112 -11.09 11.90 -22.03
N SER D 113 -10.99 12.48 -20.85
CA SER D 113 -11.12 13.93 -20.72
C SER D 113 -9.76 14.56 -20.98
N VAL D 114 -9.72 15.52 -21.90
CA VAL D 114 -8.47 16.09 -22.40
C VAL D 114 -8.31 17.49 -21.84
N PHE D 115 -7.09 17.81 -21.41
CA PHE D 115 -6.75 19.15 -20.93
C PHE D 115 -5.37 19.56 -21.41
N ILE D 116 -5.30 20.75 -22.01
CA ILE D 116 -4.06 21.44 -22.28
C ILE D 116 -3.84 22.54 -21.24
N PHE D 117 -2.59 22.72 -20.85
CA PHE D 117 -2.18 23.73 -19.90
C PHE D 117 -1.11 24.64 -20.48
N PRO D 118 -1.26 25.96 -20.41
CA PRO D 118 -0.14 26.83 -20.74
C PRO D 118 1.05 26.55 -19.86
N PRO D 119 2.26 26.85 -20.33
CA PRO D 119 3.42 26.90 -19.43
C PRO D 119 3.25 28.01 -18.40
N SER D 120 3.57 27.69 -17.14
CA SER D 120 3.53 28.67 -16.07
C SER D 120 4.36 29.91 -16.38
N ASP D 121 4.09 31.01 -15.67
CA ASP D 121 4.92 32.20 -15.81
C ASP D 121 6.22 32.09 -15.03
N GLU D 122 6.28 31.21 -14.03
CA GLU D 122 7.53 30.96 -13.34
C GLU D 122 8.47 30.11 -14.18
N GLN D 123 7.93 29.29 -15.08
CA GLN D 123 8.78 28.46 -15.94
C GLN D 123 9.44 29.28 -17.05
N LEU D 124 8.70 30.23 -17.63
CA LEU D 124 9.28 31.07 -18.68
C LEU D 124 10.40 31.94 -18.13
N LYS D 125 10.24 32.46 -16.91
CA LYS D 125 11.29 33.23 -16.26
C LYS D 125 12.45 32.34 -15.85
CA THR D 128 12.20 26.98 -21.29
C THR D 128 10.68 27.01 -21.09
N ALA D 129 9.97 26.20 -21.86
CA ALA D 129 8.53 26.17 -21.80
C ALA D 129 8.02 24.76 -22.10
N SER D 130 7.20 24.23 -21.20
CA SER D 130 6.63 22.91 -21.38
C SER D 130 5.13 23.03 -21.52
N VAL D 131 4.60 22.37 -22.55
CA VAL D 131 3.17 22.32 -22.76
C VAL D 131 2.69 20.93 -22.40
N VAL D 132 1.69 20.86 -21.54
CA VAL D 132 1.22 19.58 -21.05
C VAL D 132 -0.21 19.30 -21.49
N CYS D 133 -0.44 18.10 -22.02
CA CYS D 133 -1.78 17.67 -22.35
C CYS D 133 -2.10 16.42 -21.54
N LEU D 134 -3.26 16.42 -20.89
CA LEU D 134 -3.62 15.40 -19.91
C LEU D 134 -4.81 14.60 -20.40
N LEU D 135 -4.65 13.28 -20.43
CA LEU D 135 -5.76 12.37 -20.69
C LEU D 135 -6.07 11.65 -19.40
N ASN D 136 -7.28 11.85 -18.88
CA ASN D 136 -7.64 11.32 -17.56
C ASN D 136 -8.77 10.30 -17.62
N ASN D 137 -8.54 9.18 -16.97
CA ASN D 137 -9.55 8.14 -16.74
C ASN D 137 -10.18 7.68 -18.05
N PHE D 138 -9.35 7.05 -18.88
CA PHE D 138 -9.78 6.51 -20.17
C PHE D 138 -9.41 5.03 -20.27
N TYR D 139 -10.01 4.37 -21.25
CA TYR D 139 -9.75 2.95 -21.56
C TYR D 139 -10.37 2.57 -22.90
N PRO D 140 -9.67 1.73 -23.69
CA PRO D 140 -8.37 1.13 -23.31
C PRO D 140 -7.18 2.06 -23.33
N ARG D 141 -6.04 1.51 -22.95
CA ARG D 141 -4.84 2.31 -22.77
C ARG D 141 -4.32 2.85 -24.09
N GLU D 142 -4.57 2.13 -25.18
CA GLU D 142 -4.08 2.54 -26.49
C GLU D 142 -4.74 3.86 -26.90
N ALA D 143 -3.95 4.93 -26.93
CA ALA D 143 -4.45 6.24 -27.31
C ALA D 143 -3.36 6.97 -28.07
N LYS D 144 -3.76 7.73 -29.08
CA LYS D 144 -2.84 8.51 -29.88
C LYS D 144 -3.13 9.99 -29.64
N VAL D 145 -2.16 10.69 -29.03
CA VAL D 145 -2.25 12.13 -28.82
C VAL D 145 -1.28 12.80 -29.78
N GLN D 146 -1.78 13.76 -30.55
CA GLN D 146 -0.99 14.44 -31.58
C GLN D 146 -0.95 15.92 -31.28
N TRP D 147 0.24 16.50 -31.38
CA TRP D 147 0.46 17.92 -31.13
C TRP D 147 0.54 18.68 -32.45
N LYS D 148 -0.18 19.79 -32.54
CA LYS D 148 -0.14 20.64 -33.72
C LYS D 148 0.18 22.06 -33.31
N LEU D 153 2.25 19.93 -37.27
CA LEU D 153 2.21 18.74 -36.42
C LEU D 153 3.64 18.46 -35.96
N GLN D 154 3.84 18.17 -34.68
CA GLN D 154 5.15 17.92 -34.14
C GLN D 154 5.52 16.43 -34.04
N GLY D 156 9.31 14.48 -32.32
CA GLY D 156 10.60 14.46 -31.65
C GLY D 156 10.70 15.32 -30.41
N ASN D 157 9.74 16.21 -30.15
CA ASN D 157 9.76 17.07 -28.98
C ASN D 157 8.62 16.77 -28.04
N SER D 158 8.00 15.60 -28.20
CA SER D 158 6.84 15.21 -27.40
C SER D 158 7.14 13.96 -26.59
N GLN D 159 6.70 13.95 -25.33
CA GLN D 159 6.93 12.81 -24.43
C GLN D 159 5.65 12.37 -23.70
N GLU D 160 5.42 11.06 -23.65
CA GLU D 160 4.25 10.50 -22.98
C GLU D 160 4.63 9.84 -21.67
N SER D 161 3.64 9.73 -20.77
CA SER D 161 3.78 9.00 -19.52
C SER D 161 2.42 8.49 -19.12
N VAL D 162 2.32 7.22 -18.74
CA VAL D 162 1.06 6.58 -18.44
C VAL D 162 1.11 6.02 -17.02
N THR D 163 -0.01 6.13 -16.31
CA THR D 163 -0.13 5.54 -14.98
C THR D 163 -0.48 4.05 -15.10
N GLU D 164 -0.40 3.36 -13.96
CA GLU D 164 -0.90 2.00 -13.90
C GLU D 164 -2.43 2.01 -13.86
N GLN D 165 -3.03 0.84 -14.07
CA GLN D 165 -4.47 0.75 -14.09
C GLN D 165 -5.01 1.11 -12.72
N ASP D 166 -6.06 1.92 -12.71
CA ASP D 166 -6.66 2.39 -11.47
C ASP D 166 -7.33 1.24 -10.74
N SER D 167 -7.21 1.23 -9.42
CA SER D 167 -7.72 0.10 -8.64
C SER D 167 -9.24 0.08 -8.60
N LYS D 168 -9.89 1.23 -8.62
CA LYS D 168 -11.34 1.30 -8.45
C LYS D 168 -12.10 1.36 -9.78
N ASP D 169 -11.70 2.22 -10.72
CA ASP D 169 -12.43 2.33 -11.98
C ASP D 169 -11.77 1.59 -13.14
N SER D 170 -10.54 1.08 -12.95
CA SER D 170 -9.83 0.29 -13.95
C SER D 170 -9.62 1.09 -15.25
N THR D 171 -9.37 2.39 -15.11
CA THR D 171 -9.00 3.26 -16.21
C THR D 171 -7.52 3.60 -16.13
N TYR D 172 -7.04 4.27 -17.18
CA TYR D 172 -5.70 4.85 -17.19
C TYR D 172 -5.80 6.36 -17.31
N SER D 173 -4.71 7.03 -16.95
CA SER D 173 -4.52 8.44 -17.21
C SER D 173 -3.15 8.62 -17.84
N LEU D 174 -3.02 9.64 -18.69
CA LEU D 174 -1.83 9.79 -19.50
C LEU D 174 -1.50 11.27 -19.60
N SER D 175 -0.21 11.60 -19.58
CA SER D 175 0.26 12.96 -19.77
C SER D 175 1.23 13.00 -20.94
N SER D 176 1.00 13.91 -21.87
CA SER D 176 1.90 14.16 -22.98
C SER D 176 2.48 15.56 -22.84
N THR D 177 3.80 15.66 -22.81
CA THR D 177 4.50 16.92 -22.54
C THR D 177 5.28 17.36 -23.77
N LEU D 178 4.92 18.53 -24.29
CA LEU D 178 5.66 19.20 -25.36
C LEU D 178 6.71 20.11 -24.71
N THR D 179 7.98 19.80 -24.87
CA THR D 179 9.06 20.64 -24.33
C THR D 179 9.67 21.46 -25.45
N LEU D 180 9.53 22.78 -25.37
CA LEU D 180 10.08 23.70 -26.35
C LEU D 180 10.94 24.76 -25.66
N SER D 181 11.87 25.33 -26.42
CA SER D 181 12.59 26.49 -25.95
C SER D 181 11.65 27.69 -25.86
N LYS D 182 11.91 28.56 -24.88
CA LYS D 182 11.07 29.74 -24.70
C LYS D 182 11.13 30.67 -25.92
N ALA D 183 12.28 30.69 -26.62
CA ALA D 183 12.42 31.57 -27.78
C ALA D 183 11.40 31.24 -28.85
N ASP D 184 11.27 29.97 -29.23
CA ASP D 184 10.32 29.59 -30.26
C ASP D 184 8.89 29.53 -29.72
N TYR D 185 8.72 29.40 -28.41
CA TYR D 185 7.38 29.41 -27.82
C TYR D 185 6.87 30.84 -27.73
N LYS D 189 2.02 30.99 -30.90
CA LYS D 189 0.95 30.71 -31.86
C LYS D 189 -0.15 29.86 -31.23
N VAL D 190 -0.76 29.01 -32.04
CA VAL D 190 -1.88 28.16 -31.63
C VAL D 190 -1.30 26.80 -31.26
N TYR D 191 -1.54 26.36 -30.02
CA TYR D 191 -1.05 25.08 -29.54
C TYR D 191 -2.21 24.17 -29.20
N ALA D 192 -2.20 22.97 -29.79
CA ALA D 192 -3.29 22.01 -29.66
C ALA D 192 -2.74 20.61 -29.46
N CYS D 193 -3.44 19.81 -28.65
CA CYS D 193 -3.16 18.38 -28.52
C CYS D 193 -4.39 17.63 -29.01
N GLU D 194 -4.25 16.90 -30.11
CA GLU D 194 -5.34 16.14 -30.70
C GLU D 194 -5.24 14.70 -30.23
N VAL D 195 -6.34 14.16 -29.71
CA VAL D 195 -6.36 12.84 -29.08
C VAL D 195 -7.22 11.91 -29.92
N THR D 196 -6.65 10.78 -30.29
CA THR D 196 -7.35 9.73 -31.01
C THR D 196 -7.60 8.58 -30.06
N HIS D 197 -8.87 8.17 -29.92
CA HIS D 197 -9.16 7.11 -28.97
C HIS D 197 -10.45 6.41 -29.38
N GLN D 198 -10.53 5.13 -28.99
CA GLN D 198 -11.63 4.26 -29.39
C GLN D 198 -12.99 4.78 -28.94
N GLY D 199 -13.06 5.41 -27.77
CA GLY D 199 -14.31 5.92 -27.24
C GLY D 199 -14.76 7.25 -27.77
N LEU D 200 -13.94 7.89 -28.60
CA LEU D 200 -14.28 9.17 -29.21
C LEU D 200 -14.88 8.92 -30.58
N SER D 201 -15.95 9.64 -30.90
CA SER D 201 -16.54 9.51 -32.23
C SER D 201 -15.60 10.04 -33.31
N SER D 202 -14.75 11.00 -32.97
CA SER D 202 -13.76 11.55 -33.87
C SER D 202 -12.70 12.25 -33.04
N PRO D 203 -11.53 12.54 -33.63
CA PRO D 203 -10.47 13.22 -32.87
C PRO D 203 -10.95 14.47 -32.15
N VAL D 204 -10.61 14.58 -30.87
CA VAL D 204 -10.91 15.73 -30.04
C VAL D 204 -9.65 16.59 -29.96
N THR D 205 -9.81 17.90 -30.15
CA THR D 205 -8.69 18.84 -30.15
C THR D 205 -8.88 19.84 -29.01
N LYS D 206 -7.89 19.90 -28.11
CA LYS D 206 -7.82 20.90 -27.06
C LYS D 206 -6.69 21.88 -27.36
N SER D 207 -7.01 23.17 -27.39
CA SER D 207 -6.07 24.19 -27.85
C SER D 207 -6.17 25.45 -27.01
N PHE D 208 -5.11 26.26 -27.06
CA PHE D 208 -5.10 27.59 -26.47
C PHE D 208 -4.27 28.53 -27.32
N ASN D 209 -4.51 29.83 -27.15
CA ASN D 209 -3.70 30.87 -27.78
C ASN D 209 -2.97 31.67 -26.71
N ARG D 210 -1.66 31.85 -26.91
CA ARG D 210 -0.78 32.59 -26.01
C ARG D 210 0.66 32.49 -26.51
N ASP E 1 30.42 -24.56 -22.70
CA ASP E 1 28.98 -24.51 -22.91
C ASP E 1 28.25 -24.63 -21.59
N PHE E 2 26.92 -24.61 -21.68
CA PHE E 2 26.04 -24.58 -20.52
C PHE E 2 25.29 -25.89 -20.39
N HIS E 3 25.28 -26.45 -19.19
CA HIS E 3 24.53 -27.67 -18.88
C HIS E 3 23.49 -27.36 -17.82
N PHE E 4 22.24 -27.70 -18.09
CA PHE E 4 21.18 -27.48 -17.11
C PHE E 4 21.44 -28.25 -15.83
N GLU E 5 22.13 -29.39 -15.92
CA GLU E 5 22.48 -30.16 -14.73
C GLU E 5 23.41 -29.39 -13.80
N VAL E 6 24.29 -28.55 -14.38
CA VAL E 6 25.25 -27.82 -13.56
C VAL E 6 24.56 -26.76 -12.71
N PHE E 7 23.50 -26.15 -13.23
CA PHE E 7 22.81 -25.07 -12.54
C PHE E 7 21.54 -25.52 -11.84
N ASN E 8 21.02 -26.69 -12.20
CA ASN E 8 19.86 -27.22 -11.51
C ASN E 8 20.11 -28.65 -11.06
N PHE E 9 20.14 -28.83 -9.75
CA PHE E 9 20.30 -30.16 -9.17
C PHE E 9 19.85 -30.08 -7.72
N VAL E 10 19.56 -31.24 -7.14
CA VAL E 10 19.17 -31.28 -5.74
C VAL E 10 20.45 -31.30 -4.93
N PRO E 11 20.67 -30.25 -4.14
CA PRO E 11 21.88 -30.15 -3.32
C PRO E 11 21.89 -31.20 -2.20
N ASP F 1 -40.67 10.03 10.49
CA ASP F 1 -41.05 10.03 9.08
C ASP F 1 -39.89 9.58 8.19
N PHE F 2 -39.53 8.31 8.29
CA PHE F 2 -38.53 7.79 7.37
C PHE F 2 -39.25 6.86 6.40
N HIS F 3 -39.08 7.11 5.12
CA HIS F 3 -39.59 6.22 4.09
C HIS F 3 -38.41 5.70 3.29
N PHE F 4 -38.30 4.39 3.21
CA PHE F 4 -37.24 3.77 2.45
C PHE F 4 -37.33 4.17 0.97
N GLU F 5 -38.54 4.48 0.50
CA GLU F 5 -38.72 4.92 -0.88
C GLU F 5 -38.04 6.26 -1.15
N VAL F 6 -38.01 7.16 -0.15
CA VAL F 6 -37.47 8.49 -0.36
C VAL F 6 -35.95 8.46 -0.52
N PHE F 7 -35.27 7.54 0.17
CA PHE F 7 -33.82 7.48 0.13
C PHE F 7 -33.28 6.44 -0.83
N ASN F 8 -34.14 5.52 -1.25
CA ASN F 8 -33.75 4.57 -2.26
C ASN F 8 -34.74 4.56 -3.41
N PHE F 9 -34.25 4.95 -4.59
CA PHE F 9 -35.05 4.91 -5.81
C PHE F 9 -34.10 5.03 -6.99
N VAL F 10 -34.55 4.54 -8.14
CA VAL F 10 -33.77 4.58 -9.37
C VAL F 10 -34.06 5.91 -10.07
N PRO F 11 -33.05 6.78 -10.25
CA PRO F 11 -33.22 8.06 -10.93
C PRO F 11 -33.64 7.90 -12.39
#